data_8WA3
#
_entry.id   8WA3
#
_cell.length_a   1.00
_cell.length_b   1.00
_cell.length_c   1.00
_cell.angle_alpha   90.00
_cell.angle_beta   90.00
_cell.angle_gamma   90.00
#
_symmetry.space_group_name_H-M   'P 1'
#
loop_
_entity.id
_entity.type
_entity.pdbx_description
1 polymer 'Gastric inhibitory polypeptide receptor,Fusion protein'
2 polymer 'Guanine nucleotide-binding protein G(s) subunit alpha isoforms short'
3 polymer 'Guanine nucleotide-binding protein G(I)/G(S)/G(T) subunit beta-1,O-antigen polymerase'
4 polymer 'Guanine nucleotide-binding protein G(I)/G(S)/G(O) subunit gamma-2'
5 polymer Nanobody-35
#
loop_
_entity_poly.entity_id
_entity_poly.type
_entity_poly.pdbx_seq_one_letter_code
_entity_poly.pdbx_strand_id
1 'polypeptide(L)'
;RAETGSKGQTAGELYQRWERYRRECQETLAAAEPPSGLACNGSFDMYVCWDYAAPNATARASCPWYLPWHHHVAAGFVLR
QCGSDGQWGLWRDHTQCENPEKNEAFLDQRLILERLQVMYTVGYSLSLATLLLALLILSLFRRLHCTRNYIHINLFTSFM
LRAAAILSRDRLLPRPGPYLGDQALALWNQALAACRTAQIVTQYCVGANYTWLLVEGVYLHSLLVLVGGSEEGHFRYYLL
LGWGAPALFVIPWVIVRYLYENTQCWERNEVKAIWWIIRTPILMTILINFLIFIRILGILLSKLRTRQMRCRDYRLRLAR
STLFLVPLLGVHEVVFAPVTEEQARGALRFAKLGFEIFLSSFQGFLVSVLYCFINKEVQSEIRRGWHHCRLRRSLGEEQR
GSSGGGGSGGGGSSGVFTLEDFVGDWEQTAAYNLDQVLEQGGVSSLLQNLAVSVTPIQRIVRSGENALKIDIHVIIPYEG
LSADQMAQIEEVFKVVYPVDDHHFKVILPYGTLVIDGVTPNMLNYFGRPYEGIAVFDGKKITVTGTLWNGNKIIDERLIT
PDGSMLFRVTINS
;
R
2 'polypeptide(L)'
;MGCLGNSKTEDQRNEEKAQREANKKIEKQLQKDKQVYRATHRLLLLGAGESGKNTIVKQMRILHVNGFNGEGGEEDPQAA
RSNSDGEKATKVQDIKNNLKEAIETIVAAMSNLVPPVELANPENQFRVDYILSVMNVPDFDFPPEFYEHAKALWEDEGVR
ACYERSNEYQLIDCAQYFLDKIDVIKQDDYVPSDQDLLRCRVLTSGIFETKFQVDKVNFHMFDVGAQRDERRKWIQCFND
VTAIIFVVASSSYNMVIREDNQTNRLQAALKLFDSIWNNKWLRDTSVILFLNKQDLLAEKVLAGKSKIEDYFPEFARYTT
PEDATPEPGEDPRVTRAKYFIRDEFLRISTASGDGRHYCYPHFTCSVDTENIRRVFNDCRDIIQRMHLRQYELL
;
A
3 'polypeptide(L)'
;MGSLLQSELDQLRQEAEQLKNQIRDARKACADATLSQITNNIDPVGRIQMRTRRTLRGHLAKIYAMHWGTDSRLLVSASQ
DGKLIIWDSYTTNKVHAIPLRSSWVMTCAYAPSGNYVACGGLDNICSIYNLKTREGNVRVSRELAGHTGYLSCCRFLDDN
QIVTSSGDTTCALWDIETGQQTTTFTGHTGDVMSLSLAPDTRLFVSGACDASAKLWDVREGMCRQTFTGHESDINAICFF
PNGNAFATGSDDATCRLFDLRADQELMTYSHDNIICGITSVSFSKSGRLLLAGYDDFNCNVWDALKADRAGVLAGHDNRV
SCLGVTDDGMAVATGSWDSFLKIWNGSSGGGGSGGGGSSGVSGWRLFKKIS
;
B
4 'polypeptide(L)' MASNNTASIAQARKLVEQLKMEANIDRIKVSKAAADLMAYCEAHAKEDPLLTPVPASENPFREKKFFCAIL G
5 'polypeptide(L)'
;MAQVQLQESGGGLVQPGGSLRLSCAASGFTFSNYKMNWVRQAPGKGLEWVSDISQSGASISYTGSVKGRFTISRDNAKNT
LYLQMNSLKPEDTAVYYCARCPAPFTRDCFDVTSTTYAYRGQGTQVTVSSHHHHHHEPEA
;
N
#
# COMPACT_ATOMS: atom_id res chain seq x y z
N LEU A 107 5.55 -45.57 48.70
CA LEU A 107 6.63 -45.30 47.75
C LEU A 107 6.09 -44.71 46.46
N ASP A 108 4.83 -45.01 46.13
CA ASP A 108 4.19 -44.38 44.97
C ASP A 108 4.13 -42.87 45.14
N GLN A 109 3.79 -42.40 46.35
CA GLN A 109 3.77 -40.97 46.61
C GLN A 109 5.15 -40.36 46.41
N ARG A 110 6.19 -41.02 46.91
CA ARG A 110 7.54 -40.50 46.74
C ARG A 110 7.95 -40.43 45.28
N LEU A 111 7.66 -41.48 44.51
CA LEU A 111 8.06 -41.46 43.10
C LEU A 111 7.27 -40.44 42.30
N ILE A 112 5.97 -40.29 42.58
CA ILE A 112 5.20 -39.29 41.85
C ILE A 112 5.64 -37.89 42.25
N LEU A 113 6.04 -37.68 43.51
CA LEU A 113 6.57 -36.38 43.90
C LEU A 113 7.90 -36.09 43.23
N GLU A 114 8.76 -37.10 43.07
CA GLU A 114 10.02 -36.89 42.36
C GLU A 114 9.76 -36.54 40.89
N ARG A 115 8.84 -37.27 40.25
CA ARG A 115 8.47 -36.93 38.87
C ARG A 115 7.87 -35.53 38.79
N LEU A 116 7.07 -35.17 39.80
CA LEU A 116 6.50 -33.83 39.88
C LEU A 116 7.59 -32.76 39.93
N GLN A 117 8.59 -32.96 40.78
CA GLN A 117 9.67 -31.99 40.92
C GLN A 117 10.48 -31.87 39.64
N VAL A 118 10.82 -33.00 39.01
CA VAL A 118 11.61 -32.92 37.79
C VAL A 118 10.79 -32.29 36.66
N MET A 119 9.48 -32.55 36.61
CA MET A 119 8.63 -31.90 35.63
C MET A 119 8.57 -30.39 35.86
N TYR A 120 8.51 -29.98 37.13
CA TYR A 120 8.53 -28.55 37.47
C TYR A 120 9.82 -27.89 37.00
N THR A 121 10.96 -28.55 37.27
CA THR A 121 12.25 -28.00 36.85
C THR A 121 12.34 -27.91 35.34
N VAL A 122 11.92 -28.96 34.62
CA VAL A 122 12.00 -28.91 33.17
C VAL A 122 11.00 -27.91 32.61
N GLY A 123 9.88 -27.68 33.31
CA GLY A 123 8.95 -26.64 32.90
C GLY A 123 9.60 -25.28 32.92
N TYR A 124 10.27 -24.94 34.02
CA TYR A 124 11.03 -23.70 34.01
C TYR A 124 12.15 -23.72 32.98
N SER A 125 12.72 -24.89 32.69
CA SER A 125 13.77 -24.97 31.68
C SER A 125 13.26 -24.52 30.32
N LEU A 126 12.13 -25.07 29.86
CA LEU A 126 11.66 -24.62 28.56
C LEU A 126 11.03 -23.24 28.65
N SER A 127 10.65 -22.78 29.84
CA SER A 127 10.25 -21.38 29.98
C SER A 127 11.43 -20.46 29.65
N LEU A 128 12.61 -20.76 30.22
CA LEU A 128 13.82 -20.01 29.86
C LEU A 128 14.09 -20.12 28.37
N ALA A 129 13.97 -21.31 27.80
CA ALA A 129 14.27 -21.50 26.38
C ALA A 129 13.36 -20.64 25.51
N THR A 130 12.06 -20.70 25.75
CA THR A 130 11.12 -19.94 24.94
C THR A 130 11.29 -18.44 25.14
N LEU A 131 11.56 -18.00 26.37
CA LEU A 131 11.74 -16.57 26.59
C LEU A 131 13.01 -16.05 25.90
N LEU A 132 14.10 -16.83 25.94
CA LEU A 132 15.29 -16.44 25.19
C LEU A 132 15.01 -16.39 23.70
N LEU A 133 14.28 -17.38 23.17
CA LEU A 133 13.97 -17.37 21.75
C LEU A 133 13.12 -16.16 21.38
N ALA A 134 12.15 -15.82 22.22
CA ALA A 134 11.31 -14.66 21.98
C ALA A 134 12.11 -13.36 22.00
N LEU A 135 13.00 -13.21 22.99
CA LEU A 135 13.83 -12.02 23.05
C LEU A 135 14.73 -11.89 21.83
N LEU A 136 15.35 -13.01 21.42
CA LEU A 136 16.20 -12.97 20.24
C LEU A 136 15.40 -12.63 18.99
N ILE A 137 14.19 -13.18 18.86
CA ILE A 137 13.38 -12.91 17.69
C ILE A 137 12.96 -11.45 17.64
N LEU A 138 12.54 -10.90 18.78
CA LEU A 138 12.00 -9.54 18.83
C LEU A 138 13.06 -8.47 19.04
N SER A 139 14.34 -8.85 19.16
CA SER A 139 15.38 -7.88 19.48
C SER A 139 16.23 -7.47 18.27
N LEU A 140 16.58 -8.40 17.40
CA LEU A 140 17.58 -8.16 16.36
C LEU A 140 16.99 -7.92 14.98
N PHE A 141 15.69 -7.59 14.91
CA PHE A 141 15.07 -7.33 13.61
C PHE A 141 15.04 -5.85 13.25
N ARG A 142 15.18 -4.95 14.23
CA ARG A 142 15.35 -3.51 14.00
C ARG A 142 14.09 -2.88 13.43
N ARG A 143 13.09 -3.69 13.11
CA ARG A 143 11.83 -3.21 12.54
C ARG A 143 10.65 -3.37 13.47
N LEU A 144 10.61 -4.45 14.27
CA LEU A 144 9.57 -4.62 15.27
C LEU A 144 9.89 -3.80 16.52
N HIS A 145 10.06 -2.50 16.30
CA HIS A 145 10.44 -1.56 17.36
C HIS A 145 9.27 -0.58 17.54
N CYS A 146 8.32 -0.96 18.38
CA CYS A 146 7.19 -0.11 18.71
C CYS A 146 6.98 -0.17 20.23
N THR A 147 6.06 0.65 20.72
CA THR A 147 5.79 0.67 22.15
C THR A 147 5.27 -0.69 22.62
N ARG A 148 4.38 -1.31 21.84
CA ARG A 148 3.85 -2.62 22.20
C ARG A 148 4.96 -3.66 22.26
N ASN A 149 5.86 -3.66 21.27
CA ASN A 149 6.96 -4.61 21.27
C ASN A 149 7.96 -4.32 22.39
N TYR A 150 8.18 -3.05 22.71
CA TYR A 150 9.04 -2.72 23.85
C TYR A 150 8.44 -3.24 25.14
N ILE A 151 7.13 -3.08 25.32
CA ILE A 151 6.46 -3.61 26.51
C ILE A 151 6.58 -5.12 26.56
N HIS A 152 6.45 -5.78 25.40
CA HIS A 152 6.62 -7.23 25.36
C HIS A 152 8.03 -7.63 25.77
N ILE A 153 9.04 -6.88 25.30
CA ILE A 153 10.43 -7.17 25.67
C ILE A 153 10.62 -7.01 27.18
N ASN A 154 10.05 -5.95 27.75
CA ASN A 154 10.18 -5.73 29.18
C ASN A 154 9.51 -6.85 29.98
N LEU A 155 8.32 -7.27 29.55
CA LEU A 155 7.64 -8.37 30.23
C LEU A 155 8.46 -9.66 30.13
N PHE A 156 9.02 -9.93 28.95
CA PHE A 156 9.81 -11.14 28.76
C PHE A 156 11.05 -11.12 29.65
N THR A 157 11.73 -9.98 29.73
CA THR A 157 12.93 -9.94 30.58
C THR A 157 12.56 -10.00 32.06
N SER A 158 11.41 -9.46 32.45
CA SER A 158 10.95 -9.62 33.82
C SER A 158 10.73 -11.09 34.14
N PHE A 159 10.12 -11.83 33.21
CA PHE A 159 9.97 -13.28 33.40
C PHE A 159 11.32 -13.98 33.44
N MET A 160 12.29 -13.50 32.64
CA MET A 160 13.64 -14.03 32.72
C MET A 160 14.22 -13.88 34.12
N LEU A 161 14.14 -12.68 34.69
CA LEU A 161 14.64 -12.48 36.05
C LEU A 161 13.91 -13.36 37.05
N ARG A 162 12.58 -13.48 36.92
CA ARG A 162 11.85 -14.34 37.84
C ARG A 162 12.34 -15.78 37.77
N ALA A 163 12.41 -16.34 36.56
CA ALA A 163 12.78 -17.73 36.42
C ALA A 163 14.22 -17.97 36.88
N ALA A 164 15.14 -17.06 36.54
CA ALA A 164 16.51 -17.21 36.97
C ALA A 164 16.63 -17.16 38.49
N ALA A 165 15.94 -16.20 39.12
CA ALA A 165 15.99 -16.10 40.58
C ALA A 165 15.41 -17.33 41.24
N ILE A 166 14.29 -17.84 40.72
CA ILE A 166 13.67 -19.03 41.30
C ILE A 166 14.58 -20.24 41.17
N LEU A 167 15.17 -20.43 40.00
CA LEU A 167 16.07 -21.56 39.80
C LEU A 167 17.30 -21.46 40.70
N SER A 168 17.87 -20.25 40.81
CA SER A 168 19.03 -20.07 41.67
C SER A 168 18.70 -20.34 43.13
N ARG A 169 17.54 -19.86 43.59
CA ARG A 169 17.12 -20.09 44.97
C ARG A 169 16.88 -21.57 45.23
N ASP A 170 16.26 -22.26 44.27
CA ASP A 170 16.01 -23.69 44.43
C ASP A 170 17.32 -24.47 44.49
N ARG A 171 18.28 -24.15 43.62
CA ARG A 171 19.55 -24.86 43.62
C ARG A 171 20.47 -24.42 44.75
N LEU A 172 20.16 -23.30 45.41
CA LEU A 172 21.03 -22.76 46.46
C LEU A 172 20.57 -23.14 47.86
N LEU A 173 19.31 -23.53 48.03
CA LEU A 173 18.80 -23.87 49.35
C LEU A 173 19.51 -25.10 49.89
N PRO A 174 19.97 -25.09 51.15
CA PRO A 174 20.66 -26.22 51.76
C PRO A 174 19.72 -27.36 52.13
N ASN A 189 27.48 -15.48 56.96
CA ASN A 189 27.82 -16.58 56.05
C ASN A 189 27.52 -16.20 54.60
N GLN A 190 28.37 -16.68 53.69
CA GLN A 190 28.15 -16.40 52.28
C GLN A 190 26.86 -17.04 51.78
N ALA A 191 26.58 -18.28 52.20
CA ALA A 191 25.37 -18.96 51.75
C ALA A 191 24.12 -18.23 52.24
N LEU A 192 24.12 -17.78 53.49
CA LEU A 192 22.95 -17.07 54.02
C LEU A 192 22.72 -15.76 53.28
N ALA A 193 23.79 -15.01 53.02
CA ALA A 193 23.66 -13.76 52.29
C ALA A 193 23.16 -14.00 50.87
N ALA A 194 23.67 -15.04 50.20
CA ALA A 194 23.21 -15.37 48.86
C ALA A 194 21.74 -15.75 48.87
N CYS A 195 21.32 -16.55 49.86
CA CYS A 195 19.92 -16.93 49.96
C CYS A 195 19.02 -15.72 50.19
N ARG A 196 19.44 -14.81 51.07
CA ARG A 196 18.66 -13.60 51.32
C ARG A 196 18.55 -12.75 50.07
N THR A 197 19.66 -12.59 49.35
CA THR A 197 19.63 -11.81 48.11
C THR A 197 18.71 -12.46 47.07
N ALA A 198 18.77 -13.79 46.96
CA ALA A 198 17.90 -14.50 46.02
C ALA A 198 16.43 -14.30 46.39
N GLN A 199 16.12 -14.37 47.68
CA GLN A 199 14.73 -14.18 48.10
C GLN A 199 14.25 -12.77 47.81
N ILE A 200 15.09 -11.76 48.07
CA ILE A 200 14.71 -10.38 47.78
C ILE A 200 14.48 -10.20 46.28
N VAL A 201 15.39 -10.74 45.46
CA VAL A 201 15.24 -10.63 44.01
C VAL A 201 13.98 -11.33 43.56
N THR A 202 13.67 -12.49 44.16
CA THR A 202 12.46 -13.23 43.79
C THR A 202 11.20 -12.41 44.09
N GLN A 203 11.14 -11.80 45.27
CA GLN A 203 9.98 -10.98 45.60
C GLN A 203 9.86 -9.79 44.66
N TYR A 204 10.99 -9.11 44.40
CA TYR A 204 10.95 -7.96 43.51
C TYR A 204 10.49 -8.34 42.11
N CYS A 205 10.98 -9.46 41.58
CA CYS A 205 10.63 -9.83 40.23
C CYS A 205 9.21 -10.36 40.11
N VAL A 206 8.71 -11.06 41.15
CA VAL A 206 7.31 -11.49 41.07
C VAL A 206 6.38 -10.29 41.17
N GLY A 207 6.80 -9.23 41.88
CA GLY A 207 6.06 -7.99 41.81
C GLY A 207 6.13 -7.35 40.43
N ALA A 208 7.33 -7.34 39.84
CA ALA A 208 7.54 -6.69 38.56
C ALA A 208 6.75 -7.38 37.45
N ASN A 209 6.62 -8.69 37.50
CA ASN A 209 5.88 -9.41 36.46
C ASN A 209 4.42 -8.98 36.43
N TYR A 210 3.77 -8.96 37.59
CA TYR A 210 2.37 -8.57 37.64
C TYR A 210 2.18 -7.10 37.31
N THR A 211 3.10 -6.23 37.77
CA THR A 211 2.93 -4.82 37.43
C THR A 211 3.16 -4.60 35.94
N TRP A 212 4.02 -5.40 35.29
CA TRP A 212 4.21 -5.24 33.85
C TRP A 212 3.04 -5.79 33.06
N LEU A 213 2.41 -6.87 33.53
CA LEU A 213 1.17 -7.31 32.91
C LEU A 213 0.10 -6.24 33.03
N LEU A 214 0.01 -5.59 34.20
CA LEU A 214 -0.93 -4.48 34.36
C LEU A 214 -0.59 -3.33 33.43
N VAL A 215 0.70 -3.04 33.27
CA VAL A 215 1.12 -1.96 32.37
C VAL A 215 0.71 -2.27 30.94
N GLU A 216 0.91 -3.51 30.50
CA GLU A 216 0.51 -3.86 29.13
C GLU A 216 -1.00 -3.78 28.95
N GLY A 217 -1.76 -4.24 29.95
CA GLY A 217 -3.21 -4.09 29.89
C GLY A 217 -3.65 -2.63 29.83
N VAL A 218 -3.00 -1.77 30.63
CA VAL A 218 -3.32 -0.35 30.61
C VAL A 218 -3.00 0.25 29.25
N TYR A 219 -1.86 -0.13 28.68
CA TYR A 219 -1.48 0.38 27.37
C TYR A 219 -2.49 -0.02 26.32
N LEU A 220 -2.92 -1.28 26.32
CA LEU A 220 -3.91 -1.72 25.35
C LEU A 220 -5.23 -0.98 25.54
N HIS A 221 -5.67 -0.83 26.80
CA HIS A 221 -6.93 -0.15 27.06
C HIS A 221 -6.89 1.31 26.61
N SER A 222 -5.79 2.01 26.91
CA SER A 222 -5.68 3.40 26.48
C SER A 222 -5.60 3.52 24.97
N LEU A 223 -4.84 2.62 24.33
CA LEU A 223 -4.70 2.65 22.88
C LEU A 223 -6.02 2.29 22.19
N LEU A 224 -6.91 1.58 22.88
CA LEU A 224 -8.17 1.17 22.29
C LEU A 224 -9.34 2.09 22.63
N VAL A 225 -9.22 2.88 23.70
CA VAL A 225 -10.34 3.65 24.22
C VAL A 225 -10.10 5.15 24.06
N LEU A 226 -8.91 5.63 24.43
CA LEU A 226 -8.63 7.06 24.39
C LEU A 226 -8.75 7.59 22.96
N VAL A 227 -9.45 8.72 22.83
CA VAL A 227 -9.72 9.32 21.53
C VAL A 227 -8.72 10.44 21.28
N GLY A 228 -8.07 10.40 20.13
CA GLY A 228 -7.13 11.44 19.75
C GLY A 228 -5.82 11.34 20.51
N GLY A 229 -4.91 12.24 20.16
CA GLY A 229 -3.62 12.31 20.81
C GLY A 229 -2.67 11.20 20.39
N SER A 230 -2.97 9.98 20.80
CA SER A 230 -2.13 8.81 20.51
C SER A 230 -0.68 9.07 20.90
N GLU A 231 -0.49 9.67 22.08
CA GLU A 231 0.83 10.07 22.54
C GLU A 231 1.68 8.83 22.83
N GLU A 232 2.83 8.73 22.18
CA GLU A 232 3.77 7.65 22.41
C GLU A 232 4.84 8.00 23.42
N GLY A 233 4.82 9.22 23.96
CA GLY A 233 5.77 9.63 24.96
C GLY A 233 5.48 9.16 26.37
N HIS A 234 4.32 8.53 26.57
CA HIS A 234 3.98 7.98 27.88
C HIS A 234 4.77 6.72 28.21
N PHE A 235 5.51 6.16 27.25
CA PHE A 235 6.22 4.91 27.48
C PHE A 235 7.18 5.03 28.65
N ARG A 236 7.90 6.15 28.75
CA ARG A 236 8.78 6.37 29.89
C ARG A 236 8.03 6.20 31.20
N TYR A 237 6.84 6.82 31.30
CA TYR A 237 6.04 6.65 32.50
C TYR A 237 5.71 5.18 32.73
N TYR A 238 5.34 4.46 31.66
CA TYR A 238 5.14 3.02 31.78
C TYR A 238 6.38 2.34 32.32
N LEU A 239 7.55 2.73 31.80
CA LEU A 239 8.80 2.20 32.32
C LEU A 239 8.95 2.53 33.80
N LEU A 240 8.55 3.74 34.19
CA LEU A 240 8.59 4.11 35.60
C LEU A 240 7.68 3.20 36.42
N LEU A 241 6.53 2.82 35.86
CA LEU A 241 5.67 1.86 36.53
C LEU A 241 6.15 0.44 36.35
N GLY A 242 7.01 0.21 35.35
CA GLY A 242 7.47 -1.14 35.09
C GLY A 242 8.34 -1.72 36.19
N TRP A 243 9.30 -0.93 36.69
CA TRP A 243 10.18 -1.38 37.75
C TRP A 243 10.29 -0.35 38.88
N GLY A 244 9.35 0.58 38.98
CA GLY A 244 9.40 1.55 40.06
C GLY A 244 8.49 1.17 41.21
N ALA A 245 7.26 0.78 40.89
CA ALA A 245 6.32 0.34 41.92
C ALA A 245 6.80 -0.88 42.69
N PRO A 246 7.29 -1.96 42.05
CA PRO A 246 7.69 -3.13 42.85
C PRO A 246 8.74 -2.82 43.90
N ALA A 247 9.74 -1.99 43.56
CA ALA A 247 10.74 -1.61 44.55
C ALA A 247 10.11 -0.82 45.69
N LEU A 248 9.21 0.11 45.35
CA LEU A 248 8.60 0.95 46.37
C LEU A 248 7.72 0.14 47.32
N PHE A 249 7.12 -0.95 46.84
CA PHE A 249 6.32 -1.79 47.71
C PHE A 249 7.10 -2.93 48.35
N VAL A 250 8.32 -3.21 47.90
CA VAL A 250 9.08 -4.31 48.50
C VAL A 250 10.04 -3.78 49.55
N ILE A 251 10.50 -2.53 49.40
CA ILE A 251 11.47 -1.97 50.35
C ILE A 251 10.93 -1.96 51.77
N PRO A 252 9.71 -1.47 52.05
CA PRO A 252 9.20 -1.58 53.43
C PRO A 252 9.12 -3.01 53.92
N TRP A 253 8.75 -3.95 53.04
CA TRP A 253 8.73 -5.36 53.45
C TRP A 253 10.13 -5.84 53.80
N VAL A 254 11.13 -5.44 53.02
CA VAL A 254 12.50 -5.87 53.28
C VAL A 254 12.97 -5.32 54.63
N ILE A 255 12.73 -4.03 54.88
CA ILE A 255 13.20 -3.44 56.13
C ILE A 255 12.45 -4.02 57.32
N VAL A 256 11.16 -4.33 57.15
CA VAL A 256 10.40 -4.95 58.24
C VAL A 256 10.91 -6.34 58.54
N ARG A 257 11.18 -7.14 57.49
CA ARG A 257 11.67 -8.49 57.71
C ARG A 257 13.07 -8.50 58.28
N TYR A 258 13.88 -7.50 57.94
CA TYR A 258 15.22 -7.41 58.53
C TYR A 258 15.13 -6.98 60.00
N LEU A 259 14.31 -5.98 60.31
CA LEU A 259 14.19 -5.51 61.68
C LEU A 259 13.46 -6.51 62.55
N TYR A 260 12.35 -7.06 62.07
CA TYR A 260 11.50 -7.94 62.84
C TYR A 260 11.44 -9.32 62.19
N GLU A 261 11.31 -10.34 63.03
CA GLU A 261 11.19 -11.75 62.62
C GLU A 261 12.19 -12.09 61.51
N ASN A 262 13.46 -11.87 61.83
CA ASN A 262 14.52 -12.11 60.86
C ASN A 262 14.74 -13.60 60.67
N THR A 263 13.92 -14.23 59.83
CA THR A 263 14.08 -15.64 59.51
C THR A 263 15.33 -15.83 58.66
N GLN A 264 15.84 -17.06 58.65
CA GLN A 264 17.15 -17.33 58.06
C GLN A 264 17.19 -16.94 56.59
N CYS A 265 16.35 -17.54 55.75
CA CYS A 265 16.29 -17.13 54.35
C CYS A 265 14.92 -16.63 53.91
N TRP A 266 13.89 -17.47 53.96
CA TRP A 266 12.62 -17.09 53.33
C TRP A 266 11.37 -17.59 54.05
N GLU A 267 11.47 -18.26 55.18
CA GLU A 267 10.30 -18.89 55.79
C GLU A 267 9.37 -17.82 56.33
N ARG A 268 8.33 -17.51 55.57
CA ARG A 268 7.33 -16.52 55.97
C ARG A 268 6.01 -17.25 56.20
N ASN A 269 5.85 -17.78 57.41
CA ASN A 269 4.61 -18.45 57.77
C ASN A 269 4.19 -18.16 59.21
N GLU A 270 4.90 -17.28 59.92
CA GLU A 270 4.59 -16.98 61.30
C GLU A 270 3.99 -15.60 61.52
N VAL A 271 4.22 -14.66 60.60
CA VAL A 271 3.70 -13.31 60.70
C VAL A 271 2.81 -13.06 59.48
N LYS A 272 1.55 -12.73 59.73
CA LYS A 272 0.62 -12.44 58.65
C LYS A 272 0.76 -11.01 58.13
N ALA A 273 1.27 -10.08 58.95
CA ALA A 273 1.37 -8.69 58.53
C ALA A 273 2.28 -8.54 57.33
N ILE A 274 3.41 -9.23 57.33
CA ILE A 274 4.32 -9.18 56.17
C ILE A 274 3.64 -9.78 54.95
N TRP A 275 2.86 -10.84 55.13
CA TRP A 275 2.17 -11.45 54.00
C TRP A 275 1.18 -10.47 53.39
N TRP A 276 0.40 -9.78 54.22
CA TRP A 276 -0.52 -8.77 53.69
C TRP A 276 0.24 -7.64 53.00
N ILE A 277 1.31 -7.15 53.63
CA ILE A 277 2.00 -6.00 53.07
C ILE A 277 2.71 -6.35 51.77
N ILE A 278 3.00 -7.63 51.54
CA ILE A 278 3.65 -8.02 50.29
C ILE A 278 2.64 -8.49 49.23
N ARG A 279 1.45 -8.93 49.65
CA ARG A 279 0.48 -9.42 48.69
C ARG A 279 -0.57 -8.39 48.27
N THR A 280 -0.80 -7.37 49.09
CA THR A 280 -1.81 -6.36 48.74
C THR A 280 -1.52 -5.66 47.42
N PRO A 281 -0.30 -5.17 47.14
CA PRO A 281 -0.07 -4.57 45.82
C PRO A 281 -0.31 -5.54 44.68
N ILE A 282 0.06 -6.80 44.84
CA ILE A 282 -0.16 -7.79 43.78
C ILE A 282 -1.64 -7.96 43.51
N LEU A 283 -2.44 -8.13 44.57
CA LEU A 283 -3.86 -8.31 44.39
C LEU A 283 -4.51 -7.08 43.78
N MET A 284 -4.12 -5.89 44.23
CA MET A 284 -4.69 -4.67 43.66
C MET A 284 -4.36 -4.53 42.18
N THR A 285 -3.09 -4.74 41.83
CA THR A 285 -2.69 -4.61 40.43
C THR A 285 -3.39 -5.63 39.56
N ILE A 286 -3.53 -6.87 40.04
CA ILE A 286 -4.12 -7.89 39.20
C ILE A 286 -5.64 -7.72 39.12
N LEU A 287 -6.27 -7.16 40.16
CA LEU A 287 -7.69 -6.83 40.06
C LEU A 287 -7.91 -5.71 39.05
N ILE A 288 -7.04 -4.70 39.04
CA ILE A 288 -7.15 -3.65 38.04
C ILE A 288 -6.96 -4.22 36.65
N ASN A 289 -5.98 -5.12 36.48
CA ASN A 289 -5.77 -5.76 35.18
C ASN A 289 -6.99 -6.56 34.76
N PHE A 290 -7.61 -7.28 35.70
CA PHE A 290 -8.79 -8.07 35.38
C PHE A 290 -9.95 -7.17 34.93
N LEU A 291 -10.16 -6.05 35.62
CA LEU A 291 -11.21 -5.13 35.21
C LEU A 291 -10.94 -4.54 33.84
N ILE A 292 -9.68 -4.16 33.58
CA ILE A 292 -9.33 -3.58 32.28
C ILE A 292 -9.55 -4.61 31.17
N PHE A 293 -9.15 -5.85 31.41
CA PHE A 293 -9.36 -6.87 30.38
C PHE A 293 -10.83 -7.21 30.21
N ILE A 294 -11.63 -7.10 31.28
CA ILE A 294 -13.08 -7.27 31.13
C ILE A 294 -13.64 -6.19 30.21
N ARG A 295 -13.20 -4.95 30.39
CA ARG A 295 -13.63 -3.87 29.50
C ARG A 295 -13.20 -4.13 28.06
N ILE A 296 -11.96 -4.60 27.88
CA ILE A 296 -11.46 -4.87 26.54
C ILE A 296 -12.27 -5.98 25.88
N LEU A 297 -12.56 -7.05 26.62
CA LEU A 297 -13.37 -8.14 26.07
C LEU A 297 -14.79 -7.67 25.77
N GLY A 298 -15.33 -6.76 26.58
CA GLY A 298 -16.62 -6.19 26.26
C GLY A 298 -16.61 -5.43 24.95
N ILE A 299 -15.57 -4.63 24.72
CA ILE A 299 -15.43 -3.91 23.46
C ILE A 299 -15.31 -4.88 22.30
N LEU A 300 -14.50 -5.93 22.48
CA LEU A 300 -14.30 -6.93 21.43
C LEU A 300 -15.61 -7.64 21.10
N LEU A 301 -16.38 -8.01 22.13
CA LEU A 301 -17.66 -8.66 21.90
C LEU A 301 -18.63 -7.72 21.19
N SER A 302 -18.63 -6.44 21.56
CA SER A 302 -19.46 -5.48 20.86
C SER A 302 -19.10 -5.40 19.39
N LYS A 303 -17.79 -5.36 19.08
CA LYS A 303 -17.37 -5.33 17.68
C LYS A 303 -17.80 -6.60 16.95
N LEU A 304 -17.62 -7.76 17.58
CA LEU A 304 -17.98 -9.02 16.93
C LEU A 304 -19.48 -9.10 16.66
N ARG A 305 -20.30 -8.67 17.62
CA ARG A 305 -21.75 -8.69 17.41
C ARG A 305 -22.17 -7.66 16.37
N THR A 306 -21.51 -6.51 16.33
CA THR A 306 -21.82 -5.52 15.30
C THR A 306 -21.52 -6.06 13.90
N ARG A 307 -20.38 -6.73 13.75
CA ARG A 307 -20.07 -7.35 12.46
C ARG A 307 -21.00 -8.53 12.18
N GLN A 308 -21.50 -9.19 13.23
CA GLN A 308 -22.37 -10.35 13.11
C GLN A 308 -21.67 -11.48 12.34
N MET A 309 -20.59 -11.98 12.93
CA MET A 309 -19.83 -13.08 12.36
C MET A 309 -20.52 -14.39 12.68
N ARG A 310 -19.83 -15.51 12.44
CA ARG A 310 -20.39 -16.84 12.63
C ARG A 310 -20.18 -17.33 14.06
N CYS A 311 -20.60 -18.57 14.31
CA CYS A 311 -20.44 -19.16 15.64
C CYS A 311 -18.97 -19.41 15.97
N ARG A 312 -18.14 -19.65 14.96
CA ARG A 312 -16.71 -19.78 15.19
C ARG A 312 -16.14 -18.50 15.82
N ASP A 313 -16.53 -17.35 15.30
CA ASP A 313 -16.12 -16.10 15.92
C ASP A 313 -16.86 -15.84 17.23
N TYR A 314 -18.03 -16.47 17.41
CA TYR A 314 -18.71 -16.38 18.71
C TYR A 314 -17.89 -17.06 19.80
N ARG A 315 -17.34 -18.24 19.52
CA ARG A 315 -16.47 -18.91 20.47
C ARG A 315 -15.05 -18.34 20.47
N LEU A 316 -14.69 -17.57 19.44
CA LEU A 316 -13.39 -16.90 19.43
C LEU A 316 -13.26 -15.95 20.61
N ARG A 317 -14.37 -15.42 21.12
CA ARG A 317 -14.30 -14.58 22.31
C ARG A 317 -13.73 -15.35 23.49
N LEU A 318 -14.29 -16.52 23.79
CA LEU A 318 -13.75 -17.34 24.88
C LEU A 318 -12.35 -17.82 24.55
N ALA A 319 -12.09 -18.13 23.27
CA ALA A 319 -10.77 -18.61 22.88
C ALA A 319 -9.69 -17.57 23.15
N ARG A 320 -9.97 -16.31 22.85
CA ARG A 320 -9.03 -15.24 23.12
C ARG A 320 -9.10 -14.71 24.54
N SER A 321 -10.12 -15.10 25.30
CA SER A 321 -10.18 -14.71 26.70
C SER A 321 -9.38 -15.65 27.60
N THR A 322 -9.57 -16.96 27.43
CA THR A 322 -8.94 -17.93 28.32
C THR A 322 -7.41 -17.88 28.21
N LEU A 323 -6.89 -17.84 26.99
CA LEU A 323 -5.44 -17.86 26.80
C LEU A 323 -4.79 -16.60 27.39
N PHE A 324 -5.42 -15.45 27.19
CA PHE A 324 -4.89 -14.20 27.72
C PHE A 324 -5.20 -14.00 29.20
N LEU A 325 -6.07 -14.82 29.79
CA LEU A 325 -6.44 -14.65 31.19
C LEU A 325 -5.89 -15.71 32.12
N VAL A 326 -5.33 -16.80 31.61
CA VAL A 326 -4.66 -17.74 32.52
C VAL A 326 -3.36 -17.18 33.11
N PRO A 327 -2.62 -16.27 32.44
CA PRO A 327 -1.58 -15.55 33.19
C PRO A 327 -2.14 -14.78 34.36
N LEU A 328 -3.39 -14.31 34.25
CA LEU A 328 -4.06 -13.70 35.39
C LEU A 328 -4.33 -14.74 36.47
N LEU A 329 -4.65 -15.98 36.08
CA LEU A 329 -4.73 -17.09 37.02
C LEU A 329 -3.38 -17.44 37.62
N GLY A 330 -2.31 -16.89 37.07
CA GLY A 330 -1.03 -16.95 37.76
C GLY A 330 -1.10 -16.51 39.20
N VAL A 331 -2.07 -15.68 39.56
CA VAL A 331 -2.21 -15.28 40.97
C VAL A 331 -2.68 -16.45 41.82
N HIS A 332 -3.68 -17.21 41.35
CA HIS A 332 -4.07 -18.43 42.05
C HIS A 332 -2.93 -19.43 42.06
N GLU A 333 -2.09 -19.39 41.02
CA GLU A 333 -0.89 -20.22 41.03
C GLU A 333 0.07 -19.82 42.15
N VAL A 334 0.27 -18.51 42.36
CA VAL A 334 1.29 -18.06 43.30
C VAL A 334 0.80 -17.92 44.74
N VAL A 335 -0.52 -17.93 44.97
CA VAL A 335 -1.02 -17.86 46.35
C VAL A 335 -0.52 -19.06 47.15
N PHE A 336 -0.56 -20.25 46.54
CA PHE A 336 0.01 -21.44 47.15
C PHE A 336 1.23 -21.84 46.33
N ALA A 337 2.37 -21.22 46.65
CA ALA A 337 3.62 -21.55 46.01
C ALA A 337 4.09 -22.93 46.47
N PRO A 338 4.99 -23.58 45.72
CA PRO A 338 5.44 -24.91 46.14
C PRO A 338 6.27 -24.84 47.42
N VAL A 339 5.64 -25.22 48.52
CA VAL A 339 6.25 -25.16 49.85
C VAL A 339 5.97 -26.49 50.55
N THR A 340 5.61 -27.50 49.77
CA THR A 340 5.11 -28.75 50.32
C THR A 340 6.13 -29.39 51.26
N GLU A 341 5.61 -30.04 52.31
CA GLU A 341 6.44 -30.68 53.31
C GLU A 341 6.92 -32.03 52.79
N GLU A 342 7.45 -32.86 53.69
CA GLU A 342 7.96 -34.17 53.29
C GLU A 342 6.86 -35.07 52.75
N GLN A 343 5.64 -34.96 53.28
CA GLN A 343 4.55 -35.79 52.83
C GLN A 343 3.23 -35.07 53.10
N ALA A 344 2.20 -35.46 52.34
CA ALA A 344 0.86 -34.94 52.52
C ALA A 344 -0.14 -36.04 52.21
N ARG A 345 -1.32 -35.94 52.80
CA ARG A 345 -2.37 -36.94 52.65
C ARG A 345 -3.57 -36.32 51.94
N GLY A 346 -4.04 -36.98 50.88
CA GLY A 346 -5.19 -36.52 50.15
C GLY A 346 -4.96 -36.46 48.65
N ALA A 347 -5.89 -37.03 47.88
CA ALA A 347 -5.76 -36.99 46.43
C ALA A 347 -5.87 -35.55 45.92
N LEU A 348 -6.81 -34.79 46.46
CA LEU A 348 -6.97 -33.40 46.04
C LEU A 348 -5.74 -32.57 46.35
N ARG A 349 -4.99 -32.94 47.40
CA ARG A 349 -3.80 -32.19 47.77
C ARG A 349 -2.78 -32.20 46.65
N PHE A 350 -2.27 -33.38 46.28
CA PHE A 350 -1.28 -33.44 45.22
C PHE A 350 -1.90 -33.10 43.87
N ALA A 351 -3.21 -33.32 43.70
CA ALA A 351 -3.86 -32.90 42.46
C ALA A 351 -3.75 -31.39 42.26
N LYS A 352 -4.14 -30.62 43.28
CA LYS A 352 -4.07 -29.16 43.17
C LYS A 352 -2.63 -28.68 43.16
N LEU A 353 -1.71 -29.39 43.83
CA LEU A 353 -0.31 -28.98 43.79
C LEU A 353 0.27 -29.17 42.40
N GLY A 354 -0.05 -30.28 41.74
CA GLY A 354 0.36 -30.47 40.37
C GLY A 354 -0.28 -29.46 39.44
N PHE A 355 -1.55 -29.13 39.67
CA PHE A 355 -2.19 -28.08 38.90
C PHE A 355 -1.47 -26.75 39.07
N GLU A 356 -1.02 -26.46 40.29
CA GLU A 356 -0.33 -25.21 40.56
C GLU A 356 1.02 -25.15 39.87
N ILE A 357 1.81 -26.19 40.02
CA ILE A 357 3.14 -26.12 39.45
C ILE A 357 2.98 -25.90 37.97
N PHE A 358 1.85 -26.33 37.44
CA PHE A 358 1.66 -26.20 36.01
C PHE A 358 1.63 -24.74 35.68
N LEU A 359 0.69 -24.03 36.29
CA LEU A 359 0.55 -22.63 35.98
C LEU A 359 1.88 -21.93 36.22
N SER A 360 2.64 -22.39 37.20
CA SER A 360 3.94 -21.79 37.47
C SER A 360 4.84 -21.84 36.25
N SER A 361 5.08 -23.04 35.75
CA SER A 361 5.93 -23.19 34.60
C SER A 361 5.41 -22.36 33.47
N PHE A 362 4.21 -22.67 33.04
CA PHE A 362 3.67 -21.97 31.89
C PHE A 362 3.50 -20.49 32.13
N GLN A 363 3.49 -20.08 33.41
CA GLN A 363 3.42 -18.66 33.68
C GLN A 363 4.50 -18.12 32.82
N GLY A 364 5.39 -18.99 32.37
CA GLY A 364 6.37 -18.56 31.40
C GLY A 364 6.04 -19.01 29.99
N PHE A 365 5.71 -20.30 29.84
CA PHE A 365 5.65 -20.89 28.50
C PHE A 365 4.54 -20.27 27.66
N LEU A 366 3.30 -20.26 28.17
CA LEU A 366 2.20 -19.82 27.33
C LEU A 366 2.21 -18.32 27.11
N VAL A 367 2.59 -17.53 28.12
CA VAL A 367 2.70 -16.10 27.90
C VAL A 367 3.76 -15.81 26.84
N SER A 368 4.91 -16.48 26.93
CA SER A 368 5.95 -16.26 25.94
C SER A 368 5.49 -16.63 24.54
N VAL A 369 4.79 -17.75 24.39
CA VAL A 369 4.36 -18.12 23.04
C VAL A 369 3.26 -17.19 22.54
N LEU A 370 2.26 -16.89 23.37
CA LEU A 370 1.09 -16.19 22.85
C LEU A 370 1.39 -14.73 22.56
N TYR A 371 2.24 -14.08 23.37
CA TYR A 371 2.45 -12.66 23.12
C TYR A 371 3.37 -12.39 21.95
N CYS A 372 4.14 -13.37 21.49
CA CYS A 372 5.00 -13.04 20.36
C CYS A 372 4.87 -13.97 19.16
N PHE A 373 4.78 -15.28 19.38
CA PHE A 373 4.84 -16.23 18.27
C PHE A 373 3.62 -16.14 17.38
N ILE A 374 2.45 -15.90 17.95
CA ILE A 374 1.19 -15.90 17.20
C ILE A 374 0.75 -14.48 16.92
N ASN A 375 1.73 -13.56 16.87
CA ASN A 375 1.42 -12.16 16.60
C ASN A 375 0.79 -11.99 15.21
N LYS A 376 0.98 -12.98 14.34
CA LYS A 376 0.46 -13.10 12.97
C LYS A 376 1.24 -12.26 11.97
N GLU A 377 2.24 -11.49 12.39
CA GLU A 377 3.14 -10.84 11.46
C GLU A 377 4.59 -11.31 11.62
N VAL A 378 4.97 -11.79 12.80
CA VAL A 378 6.34 -12.21 13.03
C VAL A 378 6.67 -13.46 12.23
N GLN A 379 5.75 -14.42 12.15
CA GLN A 379 6.03 -15.63 11.39
C GLN A 379 6.01 -15.35 9.89
N SER A 380 5.16 -14.42 9.46
CA SER A 380 5.21 -13.99 8.07
C SER A 380 6.55 -13.34 7.74
N GLU A 381 7.05 -12.49 8.65
CA GLU A 381 8.34 -11.87 8.44
C GLU A 381 9.48 -12.88 8.46
N ILE A 382 9.41 -13.88 9.33
CA ILE A 382 10.48 -14.88 9.37
C ILE A 382 10.42 -15.77 8.14
N ARG A 383 9.22 -16.03 7.60
CA ARG A 383 9.12 -16.74 6.33
C ARG A 383 9.71 -15.91 5.20
N ARG A 384 9.46 -14.59 5.22
CA ARG A 384 10.06 -13.70 4.22
C ARG A 384 11.58 -13.72 4.32
N GLY A 385 12.11 -13.68 5.55
CA GLY A 385 13.55 -13.75 5.72
C GLY A 385 14.13 -15.08 5.29
N TRP A 386 13.39 -16.17 5.53
CA TRP A 386 13.82 -17.48 5.06
C TRP A 386 13.87 -17.55 3.54
N HIS A 387 12.85 -16.99 2.88
CA HIS A 387 12.87 -16.92 1.42
C HIS A 387 14.04 -16.08 0.91
N HIS A 388 14.31 -14.95 1.58
CA HIS A 388 15.42 -14.12 1.17
C HIS A 388 16.76 -14.84 1.35
N CYS A 389 16.91 -15.56 2.46
CA CYS A 389 18.14 -16.32 2.68
C CYS A 389 18.29 -17.43 1.65
N ARG A 390 17.19 -18.09 1.29
CA ARG A 390 17.25 -19.12 0.25
C ARG A 390 17.64 -18.52 -1.09
N LEU A 391 17.08 -17.35 -1.43
CA LEU A 391 17.46 -16.70 -2.68
C LEU A 391 18.93 -16.29 -2.67
N ARG A 392 19.41 -15.77 -1.54
CA ARG A 392 20.82 -15.39 -1.43
C ARG A 392 21.74 -16.61 -1.57
N ARG A 393 21.37 -17.72 -0.94
CA ARG A 393 22.17 -18.94 -1.04
C ARG A 393 22.19 -19.48 -2.46
N SER A 394 21.04 -19.44 -3.14
CA SER A 394 20.94 -19.93 -4.50
C SER A 394 19.93 -19.12 -5.31
N THR B 9 42.84 16.55 8.01
CA THR B 9 42.76 17.97 8.38
C THR B 9 41.58 18.23 9.30
N GLU B 10 41.69 19.29 10.11
CA GLU B 10 40.62 19.64 11.03
C GLU B 10 39.32 19.99 10.30
N ASP B 11 39.39 20.36 9.03
CA ASP B 11 38.18 20.68 8.29
C ASP B 11 37.24 19.49 8.27
N GLN B 12 37.73 18.31 7.88
CA GLN B 12 36.87 17.14 7.76
C GLN B 12 36.08 16.92 9.05
N ARG B 13 36.72 17.09 10.20
CA ARG B 13 36.00 17.04 11.46
C ARG B 13 34.99 18.18 11.58
N ASN B 14 35.33 19.38 11.09
CA ASN B 14 34.40 20.51 11.21
C ASN B 14 33.11 20.27 10.45
N GLU B 15 33.22 19.92 9.16
CA GLU B 15 32.01 19.59 8.41
C GLU B 15 31.33 18.32 8.93
N GLU B 16 32.08 17.37 9.47
CA GLU B 16 31.44 16.18 10.02
C GLU B 16 30.57 16.51 11.22
N LYS B 17 31.08 17.34 12.14
CA LYS B 17 30.29 17.73 13.30
C LYS B 17 29.15 18.66 12.91
N ALA B 18 29.35 19.51 11.90
CA ALA B 18 28.25 20.33 11.40
C ALA B 18 27.14 19.45 10.83
N GLN B 19 27.53 18.40 10.10
CA GLN B 19 26.54 17.45 9.58
C GLN B 19 25.82 16.74 10.70
N ARG B 20 26.54 16.35 11.75
CA ARG B 20 25.89 15.72 12.90
C ARG B 20 24.87 16.65 13.53
N GLU B 21 25.23 17.92 13.72
CA GLU B 21 24.32 18.88 14.32
C GLU B 21 23.08 19.07 13.45
N ALA B 22 23.28 19.23 12.14
CA ALA B 22 22.14 19.40 11.24
C ALA B 22 21.25 18.16 11.24
N ASN B 23 21.87 16.97 11.25
CA ASN B 23 21.09 15.74 11.25
C ASN B 23 20.27 15.61 12.54
N LYS B 24 20.85 15.95 13.69
CA LYS B 24 20.10 15.83 14.93
C LYS B 24 18.98 16.86 15.00
N LYS B 25 19.20 18.08 14.48
CA LYS B 25 18.13 19.07 14.43
C LYS B 25 17.00 18.60 13.53
N ILE B 26 17.34 18.05 12.37
CA ILE B 26 16.33 17.57 11.44
C ILE B 26 15.58 16.38 12.03
N GLU B 27 16.28 15.53 12.78
CA GLU B 27 15.62 14.39 13.43
C GLU B 27 14.64 14.87 14.48
N LYS B 28 15.01 15.89 15.27
CA LYS B 28 14.07 16.45 16.24
C LYS B 28 12.84 17.02 15.54
N GLN B 29 13.06 17.76 14.45
CA GLN B 29 11.93 18.32 13.71
C GLN B 29 11.04 17.22 13.14
N LEU B 30 11.66 16.15 12.63
CA LEU B 30 10.90 15.03 12.08
C LEU B 30 10.09 14.31 13.14
N GLN B 31 10.63 14.15 14.35
CA GLN B 31 9.85 13.56 15.44
C GLN B 31 8.67 14.45 15.82
N LYS B 32 8.90 15.76 15.89
CA LYS B 32 7.82 16.69 16.20
C LYS B 32 6.73 16.62 15.14
N ASP B 33 7.12 16.52 13.87
CA ASP B 33 6.13 16.38 12.80
C ASP B 33 5.46 15.01 12.82
N LYS B 34 6.18 13.97 13.26
CA LYS B 34 5.62 12.64 13.35
C LYS B 34 4.47 12.60 14.35
N GLN B 35 4.64 13.29 15.48
CA GLN B 35 3.57 13.35 16.46
C GLN B 35 2.28 13.89 15.84
N VAL B 36 2.38 15.03 15.14
CA VAL B 36 1.21 15.64 14.53
C VAL B 36 0.64 14.74 13.44
N TYR B 37 1.52 14.15 12.63
CA TYR B 37 1.06 13.29 11.54
C TYR B 37 0.27 12.10 12.06
N ARG B 38 0.75 11.47 13.14
CA ARG B 38 0.00 10.37 13.73
C ARG B 38 -1.24 10.86 14.46
N ALA B 39 -1.29 12.13 14.86
CA ALA B 39 -2.48 12.64 15.53
C ALA B 39 -3.65 12.79 14.57
N THR B 40 -3.39 13.26 13.35
CA THR B 40 -4.45 13.61 12.42
C THR B 40 -4.97 12.40 11.67
N HIS B 41 -6.25 12.45 11.29
CA HIS B 41 -6.89 11.41 10.49
C HIS B 41 -7.17 11.93 9.09
N ARG B 42 -6.76 11.17 8.08
CA ARG B 42 -6.91 11.57 6.68
C ARG B 42 -8.07 10.81 6.04
N LEU B 43 -8.91 11.53 5.30
CA LEU B 43 -10.08 10.95 4.64
C LEU B 43 -10.12 11.43 3.20
N LEU B 44 -10.56 10.56 2.30
CA LEU B 44 -10.70 10.89 0.89
C LEU B 44 -12.17 10.91 0.52
N LEU B 45 -12.68 12.08 0.15
CA LEU B 45 -14.09 12.21 -0.17
C LEU B 45 -14.25 12.01 -1.64
N LEU B 46 -14.63 10.80 -2.04
CA LEU B 46 -14.86 10.53 -3.43
C LEU B 46 -16.32 10.77 -3.59
N GLY B 47 -16.85 10.45 -4.76
CA GLY B 47 -18.29 10.57 -4.98
C GLY B 47 -18.76 10.04 -6.30
N ALA B 48 -20.07 9.94 -6.47
CA ALA B 48 -20.63 9.47 -7.73
C ALA B 48 -21.07 10.66 -8.56
N GLY B 49 -20.12 11.43 -9.06
CA GLY B 49 -20.45 12.63 -9.82
C GLY B 49 -21.24 13.58 -8.95
N GLU B 50 -22.40 14.02 -9.44
CA GLU B 50 -23.26 14.85 -8.63
C GLU B 50 -23.94 13.98 -7.60
N SER B 51 -23.56 14.14 -6.34
CA SER B 51 -24.16 13.35 -5.28
C SER B 51 -24.39 14.23 -4.07
N GLY B 52 -23.92 15.47 -4.14
CA GLY B 52 -24.08 16.39 -3.02
C GLY B 52 -22.74 16.68 -2.37
N LYS B 53 -21.64 16.32 -3.03
CA LYS B 53 -20.30 16.52 -2.48
C LYS B 53 -20.08 17.98 -2.12
N ASN B 54 -20.46 18.90 -3.01
CA ASN B 54 -20.24 20.31 -2.76
C ASN B 54 -21.05 20.79 -1.56
N THR B 55 -22.31 20.37 -1.47
CA THR B 55 -23.15 20.76 -0.34
C THR B 55 -22.61 20.21 0.98
N ILE B 56 -22.13 18.95 0.95
CA ILE B 56 -21.57 18.35 2.16
C ILE B 56 -20.31 19.08 2.58
N VAL B 57 -19.45 19.41 1.63
CA VAL B 57 -18.21 20.14 1.95
C VAL B 57 -18.54 21.51 2.51
N LYS B 58 -19.51 22.20 1.92
CA LYS B 58 -19.92 23.51 2.44
C LYS B 58 -20.46 23.39 3.86
N GLN B 59 -21.27 22.36 4.11
CA GLN B 59 -21.77 22.13 5.47
C GLN B 59 -20.64 21.76 6.41
N MET B 60 -19.73 20.90 5.97
CA MET B 60 -18.63 20.45 6.83
C MET B 60 -17.28 20.60 6.14
N SER B 205 -8.19 23.74 -8.52
CA SER B 205 -6.81 23.90 -8.09
C SER B 205 -6.18 22.55 -7.75
N GLY B 206 -6.62 21.52 -8.46
CA GLY B 206 -6.07 20.19 -8.27
C GLY B 206 -6.77 19.39 -7.19
N ILE B 207 -6.51 19.74 -5.93
CA ILE B 207 -7.09 19.04 -4.79
C ILE B 207 -7.45 20.08 -3.72
N PHE B 208 -8.59 19.87 -3.07
CA PHE B 208 -9.06 20.73 -2.00
C PHE B 208 -8.95 20.00 -0.67
N GLU B 209 -8.41 20.70 0.33
CA GLU B 209 -8.21 20.14 1.66
C GLU B 209 -9.05 20.92 2.65
N THR B 210 -9.77 20.20 3.51
CA THR B 210 -10.59 20.81 4.56
C THR B 210 -10.17 20.23 5.90
N LYS B 211 -9.87 21.09 6.87
CA LYS B 211 -9.46 20.68 8.20
C LYS B 211 -10.60 20.96 9.17
N PHE B 212 -11.04 19.92 9.88
CA PHE B 212 -12.07 20.12 10.89
C PHE B 212 -11.76 19.27 12.12
N GLN B 213 -12.02 19.84 13.29
CA GLN B 213 -11.72 19.20 14.56
C GLN B 213 -13.02 18.87 15.29
N VAL B 214 -13.16 17.61 15.69
CA VAL B 214 -14.30 17.17 16.48
C VAL B 214 -13.79 16.33 17.64
N ASP B 215 -14.26 16.64 18.85
CA ASP B 215 -13.87 15.92 20.07
C ASP B 215 -12.36 15.88 20.22
N LYS B 216 -11.71 17.02 19.95
CA LYS B 216 -10.25 17.16 20.05
C LYS B 216 -9.52 16.18 19.12
N VAL B 217 -10.16 15.81 18.02
CA VAL B 217 -9.56 14.96 17.00
C VAL B 217 -9.59 15.72 15.67
N ASN B 218 -8.45 15.77 15.00
CA ASN B 218 -8.29 16.54 13.78
C ASN B 218 -8.47 15.65 12.56
N PHE B 219 -9.27 16.12 11.61
CA PHE B 219 -9.56 15.39 10.38
C PHE B 219 -9.22 16.27 9.19
N HIS B 220 -8.38 15.75 8.30
CA HIS B 220 -8.13 16.33 7.00
C HIS B 220 -8.96 15.57 5.97
N MET B 221 -9.74 16.30 5.18
CA MET B 221 -10.58 15.73 4.14
C MET B 221 -10.09 16.23 2.79
N PHE B 222 -9.83 15.31 1.87
CA PHE B 222 -9.27 15.65 0.56
C PHE B 222 -10.30 15.33 -0.52
N ASP B 223 -10.61 16.34 -1.33
CA ASP B 223 -11.55 16.22 -2.44
C ASP B 223 -10.82 16.54 -3.73
N VAL B 224 -10.91 15.64 -4.70
CA VAL B 224 -10.21 15.81 -5.97
C VAL B 224 -11.04 16.68 -6.92
N GLY B 225 -10.77 17.98 -6.91
CA GLY B 225 -11.52 18.91 -7.74
C GLY B 225 -11.15 18.89 -9.21
N ALA B 226 -9.94 19.32 -9.53
CA ALA B 226 -9.51 19.46 -10.93
C ALA B 226 -8.71 18.24 -11.36
N GLN B 227 -9.43 17.13 -11.55
CA GLN B 227 -8.84 15.89 -12.02
C GLN B 227 -9.72 15.30 -13.11
N ARG B 228 -9.10 14.48 -13.96
CA ARG B 228 -9.83 13.84 -15.05
C ARG B 228 -10.66 12.68 -14.51
N ASP B 229 -11.60 12.23 -15.34
CA ASP B 229 -12.51 11.15 -14.95
C ASP B 229 -11.82 9.80 -14.83
N GLU B 230 -10.60 9.66 -15.33
CA GLU B 230 -9.86 8.40 -15.24
C GLU B 230 -9.18 8.32 -13.88
N ARG B 231 -9.73 7.50 -12.99
CA ARG B 231 -9.24 7.41 -11.62
C ARG B 231 -8.28 6.26 -11.38
N ARG B 232 -7.93 5.50 -12.42
CA ARG B 232 -7.20 4.25 -12.20
C ARG B 232 -5.75 4.47 -11.78
N LYS B 233 -5.26 5.71 -11.83
CA LYS B 233 -3.87 5.99 -11.51
C LYS B 233 -3.69 6.77 -10.21
N TRP B 234 -4.38 7.90 -10.05
CA TRP B 234 -4.16 8.71 -8.87
C TRP B 234 -4.93 8.22 -7.65
N ILE B 235 -5.82 7.24 -7.79
CA ILE B 235 -6.53 6.73 -6.63
C ILE B 235 -5.64 5.84 -5.77
N GLN B 236 -4.53 5.34 -6.31
CA GLN B 236 -3.60 4.54 -5.53
C GLN B 236 -2.90 5.37 -4.46
N CYS B 237 -2.94 6.71 -4.57
CA CYS B 237 -2.30 7.55 -3.58
C CYS B 237 -3.03 7.55 -2.24
N PHE B 238 -4.28 7.08 -2.21
CA PHE B 238 -5.11 7.12 -1.01
C PHE B 238 -5.31 5.75 -0.39
N ASN B 239 -4.30 4.88 -0.49
CA ASN B 239 -4.44 3.55 0.08
C ASN B 239 -4.31 3.55 1.60
N ASP B 240 -3.53 4.48 2.15
CA ASP B 240 -3.26 4.52 3.59
C ASP B 240 -4.14 5.51 4.33
N VAL B 241 -5.11 6.13 3.66
CA VAL B 241 -6.00 7.05 4.34
C VAL B 241 -6.89 6.27 5.32
N THR B 242 -7.43 6.99 6.31
CA THR B 242 -8.29 6.34 7.29
C THR B 242 -9.54 5.78 6.65
N ALA B 243 -10.17 6.54 5.75
CA ALA B 243 -11.40 6.07 5.13
C ALA B 243 -11.64 6.82 3.82
N ILE B 244 -12.46 6.20 2.98
CA ILE B 244 -12.93 6.80 1.74
C ILE B 244 -14.43 7.03 1.90
N ILE B 245 -14.84 8.29 1.96
CA ILE B 245 -16.25 8.66 2.08
C ILE B 245 -16.81 8.71 0.66
N PHE B 246 -17.59 7.69 0.32
CA PHE B 246 -18.17 7.56 -1.01
C PHE B 246 -19.63 8.00 -0.95
N VAL B 247 -19.95 9.08 -1.65
CA VAL B 247 -21.29 9.66 -1.65
C VAL B 247 -22.02 9.20 -2.91
N VAL B 248 -23.20 8.63 -2.73
CA VAL B 248 -24.01 8.10 -3.83
C VAL B 248 -25.36 8.79 -3.82
N ALA B 249 -25.77 9.30 -4.98
CA ALA B 249 -27.09 9.90 -5.13
C ALA B 249 -28.10 8.79 -5.39
N SER B 250 -28.79 8.36 -4.34
CA SER B 250 -29.72 7.24 -4.45
C SER B 250 -30.95 7.57 -5.28
N SER B 251 -31.24 8.85 -5.48
CA SER B 251 -32.40 9.25 -6.26
C SER B 251 -32.22 8.91 -7.73
N GLN B 262 -30.60 11.67 -16.38
CA GLN B 262 -29.88 11.26 -17.58
C GLN B 262 -29.82 9.74 -17.69
N THR B 263 -28.63 9.18 -17.49
CA THR B 263 -28.42 7.74 -17.57
C THR B 263 -28.58 7.11 -16.19
N ASN B 264 -28.28 5.82 -16.08
CA ASN B 264 -28.38 5.12 -14.81
C ASN B 264 -27.23 5.49 -13.90
N ARG B 265 -27.44 6.46 -13.01
CA ARG B 265 -26.38 6.88 -12.10
C ARG B 265 -26.10 5.80 -11.05
N LEU B 266 -27.15 5.09 -10.62
CA LEU B 266 -26.97 4.06 -9.60
C LEU B 266 -26.06 2.94 -10.10
N GLN B 267 -26.22 2.53 -11.35
CA GLN B 267 -25.37 1.47 -11.89
C GLN B 267 -23.91 1.92 -11.95
N ALA B 268 -23.67 3.16 -12.39
CA ALA B 268 -22.30 3.66 -12.42
C ALA B 268 -21.71 3.74 -11.02
N ALA B 269 -22.50 4.18 -10.05
CA ALA B 269 -22.02 4.22 -8.67
C ALA B 269 -21.71 2.82 -8.16
N LEU B 270 -22.54 1.84 -8.49
CA LEU B 270 -22.28 0.47 -8.06
C LEU B 270 -21.00 -0.07 -8.68
N LYS B 271 -20.79 0.20 -9.97
CA LYS B 271 -19.55 -0.24 -10.62
C LYS B 271 -18.33 0.43 -9.98
N LEU B 272 -18.43 1.73 -9.69
CA LEU B 272 -17.32 2.43 -9.06
C LEU B 272 -17.02 1.85 -7.68
N PHE B 273 -18.07 1.58 -6.90
CA PHE B 273 -17.87 1.01 -5.57
C PHE B 273 -17.27 -0.38 -5.64
N ASP B 274 -17.74 -1.20 -6.59
CA ASP B 274 -17.16 -2.54 -6.75
C ASP B 274 -15.70 -2.45 -7.14
N SER B 275 -15.36 -1.54 -8.05
CA SER B 275 -13.98 -1.38 -8.48
C SER B 275 -13.10 -0.92 -7.32
N ILE B 276 -13.57 0.01 -6.50
CA ILE B 276 -12.81 0.46 -5.34
C ILE B 276 -12.64 -0.68 -4.35
N TRP B 277 -13.71 -1.43 -4.11
CA TRP B 277 -13.66 -2.53 -3.14
C TRP B 277 -12.68 -3.60 -3.57
N ASN B 278 -12.66 -3.94 -4.86
CA ASN B 278 -11.81 -5.01 -5.36
C ASN B 278 -10.40 -4.53 -5.73
N ASN B 279 -10.01 -3.35 -5.27
CA ASN B 279 -8.67 -2.85 -5.58
C ASN B 279 -7.62 -3.54 -4.73
N LYS B 280 -6.52 -3.94 -5.37
CA LYS B 280 -5.47 -4.65 -4.65
C LYS B 280 -4.73 -3.74 -3.68
N TRP B 281 -4.69 -2.44 -3.97
CA TRP B 281 -4.05 -1.48 -3.07
C TRP B 281 -5.03 -0.87 -2.08
N LEU B 282 -6.33 -0.91 -2.39
CA LEU B 282 -7.35 -0.34 -1.52
C LEU B 282 -8.11 -1.40 -0.74
N ARG B 283 -7.66 -2.66 -0.78
CA ARG B 283 -8.33 -3.72 -0.04
C ARG B 283 -8.18 -3.58 1.48
N ASP B 284 -7.29 -2.70 1.94
CA ASP B 284 -7.12 -2.44 3.36
C ASP B 284 -7.71 -1.10 3.78
N THR B 285 -8.37 -0.40 2.88
CA THR B 285 -8.95 0.91 3.15
C THR B 285 -10.46 0.80 3.29
N SER B 286 -10.99 1.30 4.40
CA SER B 286 -12.42 1.22 4.66
C SER B 286 -13.17 2.27 3.85
N VAL B 287 -14.43 1.95 3.55
CA VAL B 287 -15.30 2.81 2.76
C VAL B 287 -16.53 3.15 3.61
N ILE B 288 -16.84 4.43 3.69
CA ILE B 288 -18.03 4.92 4.39
C ILE B 288 -19.02 5.38 3.32
N LEU B 289 -20.14 4.68 3.22
CA LEU B 289 -21.13 4.98 2.20
C LEU B 289 -22.11 6.03 2.71
N PHE B 290 -22.30 7.09 1.92
CA PHE B 290 -23.26 8.14 2.21
C PHE B 290 -24.31 8.09 1.10
N LEU B 291 -25.41 7.39 1.36
CA LEU B 291 -26.51 7.29 0.39
C LEU B 291 -27.36 8.55 0.53
N ASN B 292 -26.90 9.61 -0.13
CA ASN B 292 -27.51 10.92 0.01
C ASN B 292 -28.82 10.98 -0.76
N LYS B 293 -29.47 12.15 -0.69
CA LYS B 293 -30.73 12.41 -1.39
C LYS B 293 -31.82 11.41 -1.00
N GLN B 294 -31.87 11.06 0.29
CA GLN B 294 -32.92 10.16 0.76
C GLN B 294 -34.30 10.80 0.62
N ASP B 295 -34.41 12.10 0.93
CA ASP B 295 -35.69 12.78 0.76
C ASP B 295 -36.09 12.84 -0.71
N LEU B 296 -35.11 13.07 -1.60
CA LEU B 296 -35.41 13.05 -3.03
C LEU B 296 -35.89 11.68 -3.47
N LEU B 297 -35.26 10.61 -2.97
CA LEU B 297 -35.70 9.26 -3.29
C LEU B 297 -37.11 9.02 -2.78
N ALA B 298 -37.41 9.51 -1.58
CA ALA B 298 -38.74 9.34 -1.02
C ALA B 298 -39.75 9.92 -1.98
N GLU B 299 -39.51 11.15 -2.43
CA GLU B 299 -40.44 11.79 -3.35
C GLU B 299 -40.59 11.00 -4.62
N LYS B 300 -39.48 10.51 -5.18
CA LYS B 300 -39.55 9.71 -6.39
C LYS B 300 -40.49 8.52 -6.20
N VAL B 301 -40.23 7.70 -5.19
CA VAL B 301 -41.06 6.53 -4.93
C VAL B 301 -42.53 6.93 -4.76
N LEU B 302 -42.80 7.94 -3.94
CA LEU B 302 -44.17 8.38 -3.71
C LEU B 302 -44.87 8.82 -4.99
N ALA B 303 -44.16 9.52 -5.87
CA ALA B 303 -44.74 9.97 -7.13
C ALA B 303 -44.90 8.83 -8.13
N GLY B 304 -44.08 7.79 -8.00
CA GLY B 304 -44.16 6.68 -8.91
C GLY B 304 -42.87 6.53 -9.70
N LYS B 305 -42.02 7.54 -9.64
CA LYS B 305 -40.75 7.50 -10.35
C LYS B 305 -39.86 6.42 -9.76
N SER B 306 -39.46 5.46 -10.57
CA SER B 306 -38.68 4.36 -10.06
C SER B 306 -37.33 4.20 -10.74
N LYS B 307 -36.31 3.85 -9.98
CA LYS B 307 -35.00 3.61 -10.54
C LYS B 307 -34.60 2.32 -9.87
N ILE B 308 -35.50 1.83 -9.02
CA ILE B 308 -35.20 0.61 -8.26
C ILE B 308 -35.81 -0.60 -8.93
N GLU B 309 -36.96 -0.43 -9.56
CA GLU B 309 -37.61 -1.55 -10.23
C GLU B 309 -37.41 -1.41 -11.72
N ASP B 310 -37.47 -0.18 -12.22
CA ASP B 310 -37.31 0.06 -13.65
C ASP B 310 -35.97 -0.43 -14.13
N TYR B 311 -34.93 -0.13 -13.36
CA TYR B 311 -33.59 -0.55 -13.74
C TYR B 311 -33.29 -1.95 -13.24
N PHE B 312 -33.74 -2.27 -12.03
CA PHE B 312 -33.42 -3.57 -11.45
C PHE B 312 -34.69 -4.40 -11.26
N PRO B 313 -34.91 -5.39 -12.14
CA PRO B 313 -36.14 -6.19 -12.07
C PRO B 313 -36.24 -7.15 -10.89
N GLU B 314 -35.26 -7.15 -10.00
CA GLU B 314 -35.28 -8.02 -8.84
C GLU B 314 -36.01 -7.37 -7.66
N PHE B 315 -36.31 -6.08 -7.78
CA PHE B 315 -36.98 -5.38 -6.71
C PHE B 315 -38.41 -5.91 -6.51
N ALA B 316 -39.04 -6.44 -7.56
CA ALA B 316 -40.35 -7.04 -7.36
C ALA B 316 -40.27 -8.23 -6.40
N ARG B 317 -39.26 -9.07 -6.59
CA ARG B 317 -39.05 -10.23 -5.71
C ARG B 317 -38.10 -9.86 -4.57
N TYR B 318 -38.44 -8.78 -3.88
CA TYR B 318 -37.66 -8.31 -2.75
C TYR B 318 -38.59 -7.89 -1.62
N THR B 319 -38.11 -8.05 -0.40
CA THR B 319 -38.86 -7.69 0.80
C THR B 319 -37.97 -6.92 1.76
N THR B 320 -38.59 -6.12 2.61
CA THR B 320 -37.85 -5.34 3.57
C THR B 320 -37.15 -6.26 4.56
N PRO B 321 -35.84 -6.12 4.76
CA PRO B 321 -35.15 -6.98 5.72
C PRO B 321 -35.64 -6.75 7.14
N GLU B 322 -35.61 -7.82 7.94
CA GLU B 322 -36.07 -7.77 9.32
C GLU B 322 -34.98 -7.32 10.28
N ASP B 323 -33.94 -6.66 9.80
CA ASP B 323 -32.86 -6.22 10.68
C ASP B 323 -33.31 -5.11 11.61
N ALA B 324 -33.71 -3.97 11.05
CA ALA B 324 -34.14 -2.82 11.83
C ALA B 324 -34.80 -1.81 10.90
N THR B 325 -35.37 -0.77 11.50
CA THR B 325 -35.96 0.35 10.76
C THR B 325 -35.90 1.60 11.62
N PRO B 326 -34.69 2.12 11.87
CA PRO B 326 -34.55 3.28 12.76
C PRO B 326 -35.27 4.51 12.29
N GLU B 327 -35.57 4.62 10.99
CA GLU B 327 -36.31 5.76 10.49
C GLU B 327 -37.70 5.79 11.10
N PRO B 328 -38.20 6.97 11.48
CA PRO B 328 -39.56 7.05 12.05
C PRO B 328 -40.63 6.84 11.00
N GLY B 329 -41.90 7.05 11.39
CA GLY B 329 -43.03 6.79 10.52
C GLY B 329 -42.88 7.26 9.09
N GLU B 330 -42.90 6.31 8.16
CA GLU B 330 -42.68 6.60 6.75
C GLU B 330 -43.36 5.52 5.92
N ASP B 331 -43.55 5.81 4.64
CA ASP B 331 -44.18 4.86 3.74
C ASP B 331 -43.30 3.61 3.64
N PRO B 332 -43.87 2.41 3.74
CA PRO B 332 -43.05 1.19 3.61
C PRO B 332 -42.31 1.09 2.28
N ARG B 333 -42.86 1.65 1.21
CA ARG B 333 -42.21 1.58 -0.09
C ARG B 333 -40.88 2.32 -0.08
N VAL B 334 -40.84 3.50 0.56
CA VAL B 334 -39.60 4.27 0.61
C VAL B 334 -38.52 3.53 1.36
N THR B 335 -38.88 2.96 2.52
CA THR B 335 -37.93 2.18 3.30
C THR B 335 -37.47 0.96 2.52
N ARG B 336 -38.38 0.29 1.82
CA ARG B 336 -38.01 -0.86 1.02
C ARG B 336 -37.02 -0.47 -0.09
N ALA B 337 -37.27 0.67 -0.73
CA ALA B 337 -36.37 1.12 -1.80
C ALA B 337 -34.98 1.44 -1.25
N LYS B 338 -34.91 2.23 -0.18
CA LYS B 338 -33.60 2.61 0.35
C LYS B 338 -32.85 1.40 0.87
N TYR B 339 -33.55 0.47 1.53
CA TYR B 339 -32.88 -0.74 2.01
C TYR B 339 -32.51 -1.67 0.87
N PHE B 340 -33.25 -1.64 -0.25
CA PHE B 340 -32.85 -2.42 -1.42
C PHE B 340 -31.54 -1.87 -2.01
N ILE B 341 -31.43 -0.55 -2.10
CA ILE B 341 -30.18 0.04 -2.58
C ILE B 341 -29.03 -0.29 -1.64
N ARG B 342 -29.28 -0.18 -0.32
CA ARG B 342 -28.25 -0.53 0.65
C ARG B 342 -27.88 -2.00 0.56
N ASP B 343 -28.85 -2.87 0.30
CA ASP B 343 -28.58 -4.28 0.15
C ASP B 343 -27.76 -4.57 -1.10
N GLU B 344 -28.02 -3.86 -2.19
CA GLU B 344 -27.19 -4.01 -3.38
C GLU B 344 -25.75 -3.62 -3.09
N PHE B 345 -25.55 -2.48 -2.42
CA PHE B 345 -24.20 -2.06 -2.08
C PHE B 345 -23.53 -3.05 -1.13
N LEU B 346 -24.28 -3.57 -0.16
CA LEU B 346 -23.71 -4.52 0.79
C LEU B 346 -23.39 -5.86 0.14
N ARG B 347 -24.20 -6.29 -0.84
CA ARG B 347 -23.87 -7.51 -1.57
C ARG B 347 -22.62 -7.32 -2.41
N ILE B 348 -22.46 -6.13 -2.99
CA ILE B 348 -21.21 -5.84 -3.70
C ILE B 348 -20.02 -5.88 -2.74
N SER B 349 -20.18 -5.29 -1.56
CA SER B 349 -19.07 -5.19 -0.62
C SER B 349 -18.68 -6.53 -0.03
N THR B 350 -19.66 -7.31 0.41
CA THR B 350 -19.41 -8.55 1.15
C THR B 350 -19.22 -9.76 0.25
N ALA B 351 -18.84 -9.56 -1.00
CA ALA B 351 -18.57 -10.69 -1.89
C ALA B 351 -17.33 -11.45 -1.40
N SER B 352 -17.19 -12.68 -1.89
CA SER B 352 -16.07 -13.51 -1.49
C SER B 352 -14.74 -12.86 -1.86
N GLY B 353 -13.82 -12.86 -0.92
CA GLY B 353 -12.52 -12.25 -1.15
C GLY B 353 -11.76 -12.11 0.16
N ASP B 354 -10.71 -11.29 0.10
CA ASP B 354 -9.86 -11.03 1.24
C ASP B 354 -9.63 -9.52 1.39
N GLY B 355 -9.22 -9.13 2.58
CA GLY B 355 -8.94 -7.74 2.88
C GLY B 355 -9.31 -7.40 4.31
N ARG B 356 -8.72 -6.32 4.81
CA ARG B 356 -8.94 -5.83 6.16
C ARG B 356 -9.85 -4.61 6.20
N HIS B 357 -10.71 -4.47 5.20
CA HIS B 357 -11.57 -3.30 5.06
C HIS B 357 -13.03 -3.65 5.36
N TYR B 358 -13.80 -2.63 5.70
CA TYR B 358 -15.20 -2.79 6.08
C TYR B 358 -16.00 -1.66 5.49
N CYS B 359 -17.31 -1.89 5.34
CA CYS B 359 -18.22 -0.92 4.75
C CYS B 359 -19.18 -0.42 5.81
N TYR B 360 -19.49 0.88 5.76
CA TYR B 360 -20.37 1.54 6.73
C TYR B 360 -21.45 2.31 5.99
N PRO B 361 -22.53 1.63 5.59
CA PRO B 361 -23.62 2.34 4.91
C PRO B 361 -24.31 3.32 5.83
N HIS B 362 -24.80 4.41 5.24
CA HIS B 362 -25.47 5.46 5.99
C HIS B 362 -26.47 6.18 5.10
N PHE B 363 -27.74 6.22 5.52
CA PHE B 363 -28.75 7.04 4.86
C PHE B 363 -28.74 8.42 5.50
N THR B 364 -27.83 9.28 5.02
CA THR B 364 -27.58 10.53 5.73
C THR B 364 -28.63 11.59 5.40
N CYS B 365 -28.64 12.06 4.16
CA CYS B 365 -29.51 13.16 3.70
C CYS B 365 -29.68 14.20 4.81
N SER B 366 -28.56 14.61 5.38
CA SER B 366 -28.58 15.45 6.58
C SER B 366 -27.59 16.58 6.43
N VAL B 367 -28.05 17.80 6.70
CA VAL B 367 -27.20 18.98 6.70
C VAL B 367 -27.13 19.60 8.10
N ASP B 368 -27.45 18.83 9.14
CA ASP B 368 -27.48 19.30 10.52
C ASP B 368 -26.28 18.82 11.32
N THR B 369 -25.11 18.75 10.67
CA THR B 369 -23.85 18.37 11.31
C THR B 369 -23.92 16.95 11.89
N GLU B 370 -24.86 16.14 11.41
CA GLU B 370 -24.88 14.73 11.79
C GLU B 370 -23.79 13.95 11.09
N ASN B 371 -23.37 14.41 9.90
CA ASN B 371 -22.28 13.75 9.18
C ASN B 371 -20.98 13.80 9.97
N ILE B 372 -20.76 14.87 10.74
CA ILE B 372 -19.59 14.93 11.60
C ILE B 372 -19.58 13.77 12.58
N ARG B 373 -20.70 13.56 13.27
CA ARG B 373 -20.78 12.48 14.24
C ARG B 373 -20.66 11.12 13.57
N ARG B 374 -21.29 10.94 12.42
CA ARG B 374 -21.23 9.66 11.72
C ARG B 374 -19.80 9.35 11.31
N VAL B 375 -19.10 10.32 10.73
CA VAL B 375 -17.72 10.10 10.28
C VAL B 375 -16.81 9.85 11.48
N PHE B 376 -17.00 10.61 12.57
CA PHE B 376 -16.16 10.41 13.75
C PHE B 376 -16.36 9.02 14.34
N ASN B 377 -17.61 8.57 14.45
CA ASN B 377 -17.88 7.24 14.98
C ASN B 377 -17.30 6.15 14.08
N ASP B 378 -17.44 6.33 12.76
CA ASP B 378 -16.90 5.33 11.84
C ASP B 378 -15.39 5.26 11.92
N CYS B 379 -14.72 6.42 12.00
CA CYS B 379 -13.27 6.41 12.14
C CYS B 379 -12.83 5.80 13.46
N ARG B 380 -13.56 6.09 14.53
CA ARG B 380 -13.26 5.46 15.82
C ARG B 380 -13.37 3.94 15.72
N ASP B 381 -14.43 3.46 15.08
CA ASP B 381 -14.60 2.02 14.90
C ASP B 381 -13.47 1.42 14.07
N ILE B 382 -13.08 2.12 12.98
CA ILE B 382 -12.01 1.61 12.13
C ILE B 382 -10.71 1.50 12.90
N ILE B 383 -10.38 2.54 13.67
CA ILE B 383 -9.14 2.54 14.43
C ILE B 383 -9.17 1.43 15.49
N GLN B 384 -10.30 1.28 16.17
CA GLN B 384 -10.40 0.24 17.20
C GLN B 384 -10.25 -1.16 16.59
N ARG B 385 -10.89 -1.39 15.43
CA ARG B 385 -10.77 -2.68 14.78
C ARG B 385 -9.34 -2.94 14.32
N MET B 386 -8.66 -1.93 13.78
CA MET B 386 -7.28 -2.11 13.36
C MET B 386 -6.38 -2.43 14.56
N HIS B 387 -6.58 -1.72 15.67
CA HIS B 387 -5.78 -1.98 16.86
C HIS B 387 -6.04 -3.38 17.42
N LEU B 388 -7.30 -3.82 17.43
CA LEU B 388 -7.61 -5.17 17.87
C LEU B 388 -7.00 -6.21 16.95
N ARG B 389 -6.98 -5.94 15.64
CA ARG B 389 -6.35 -6.87 14.72
C ARG B 389 -4.84 -6.94 14.92
N GLN B 390 -4.22 -5.83 15.33
CA GLN B 390 -2.81 -5.88 15.68
C GLN B 390 -2.58 -6.80 16.87
N TYR B 391 -3.49 -6.80 17.83
CA TYR B 391 -3.42 -7.69 18.99
C TYR B 391 -4.10 -9.03 18.74
N GLU B 392 -4.42 -9.34 17.48
CA GLU B 392 -5.10 -10.58 17.08
C GLU B 392 -6.16 -11.02 18.07
N LEU B 393 -6.96 -10.05 18.54
CA LEU B 393 -8.08 -10.35 19.42
C LEU B 393 -9.35 -10.73 18.67
N LEU B 394 -9.39 -10.54 17.36
CA LEU B 394 -10.56 -10.92 16.58
C LEU B 394 -10.14 -11.61 15.28
N GLU C 8 -17.95 11.41 -44.46
CA GLU C 8 -16.68 12.10 -44.63
C GLU C 8 -15.64 11.60 -43.65
N LEU C 9 -16.09 11.33 -42.42
CA LEU C 9 -15.16 10.83 -41.39
C LEU C 9 -14.63 9.46 -41.76
N ASP C 10 -15.48 8.60 -42.33
CA ASP C 10 -15.05 7.25 -42.70
C ASP C 10 -13.85 7.27 -43.62
N GLN C 11 -13.77 8.27 -44.51
CA GLN C 11 -12.58 8.41 -45.35
C GLN C 11 -11.35 8.69 -44.50
N LEU C 12 -11.49 9.52 -43.47
CA LEU C 12 -10.35 9.81 -42.59
C LEU C 12 -9.92 8.55 -41.84
N ARG C 13 -10.88 7.77 -41.33
CA ARG C 13 -10.53 6.53 -40.64
C ARG C 13 -9.85 5.55 -41.59
N GLN C 14 -10.34 5.44 -42.82
CA GLN C 14 -9.72 4.55 -43.80
C GLN C 14 -8.29 4.99 -44.11
N GLU C 15 -8.08 6.29 -44.28
CA GLU C 15 -6.74 6.81 -44.54
C GLU C 15 -5.82 6.52 -43.37
N ALA C 16 -6.30 6.74 -42.15
CA ALA C 16 -5.49 6.49 -40.96
C ALA C 16 -5.12 5.02 -40.83
N GLU C 17 -6.08 4.12 -41.07
CA GLU C 17 -5.76 2.69 -40.95
C GLU C 17 -4.83 2.24 -42.07
N GLN C 18 -4.95 2.83 -43.26
CA GLN C 18 -4.00 2.53 -44.32
C GLN C 18 -2.59 2.98 -43.93
N LEU C 19 -2.47 4.17 -43.34
CA LEU C 19 -1.17 4.64 -42.89
C LEU C 19 -0.59 3.74 -41.79
N LYS C 20 -1.43 3.32 -40.84
CA LYS C 20 -0.93 2.41 -39.81
C LYS C 20 -0.49 1.08 -40.42
N ASN C 21 -1.26 0.57 -41.40
CA ASN C 21 -0.89 -0.68 -42.05
C ASN C 21 0.44 -0.55 -42.79
N GLN C 22 0.64 0.56 -43.50
CA GLN C 22 1.90 0.74 -44.22
C GLN C 22 3.07 0.94 -43.26
N ILE C 23 2.84 1.61 -42.12
CA ILE C 23 3.89 1.76 -41.12
C ILE C 23 4.26 0.40 -40.54
N ARG C 24 3.26 -0.43 -40.25
CA ARG C 24 3.53 -1.79 -39.76
C ARG C 24 4.28 -2.61 -40.79
N ASP C 25 3.91 -2.48 -42.07
CA ASP C 25 4.62 -3.21 -43.12
C ASP C 25 6.07 -2.76 -43.22
N ALA C 26 6.30 -1.44 -43.14
CA ALA C 26 7.67 -0.93 -43.17
C ALA C 26 8.47 -1.44 -41.98
N ARG C 27 7.86 -1.47 -40.80
CA ARG C 27 8.55 -2.00 -39.62
C ARG C 27 8.88 -3.47 -39.78
N LYS C 28 7.95 -4.25 -40.33
CA LYS C 28 8.20 -5.68 -40.53
C LYS C 28 9.31 -5.89 -41.54
N ALA C 29 9.30 -5.13 -42.63
CA ALA C 29 10.38 -5.23 -43.62
C ALA C 29 11.72 -4.80 -43.04
N CYS C 30 11.70 -3.84 -42.12
CA CYS C 30 12.94 -3.41 -41.48
C CYS C 30 13.53 -4.50 -40.59
N ALA C 31 12.68 -5.35 -40.02
CA ALA C 31 13.15 -6.41 -39.13
C ALA C 31 13.81 -7.54 -39.93
N ASP C 32 15.14 -7.48 -40.06
CA ASP C 32 15.88 -8.51 -40.78
C ASP C 32 16.44 -9.58 -39.86
N ALA C 33 16.54 -9.31 -38.57
CA ALA C 33 17.07 -10.27 -37.61
C ALA C 33 16.41 -10.04 -36.26
N THR C 34 16.94 -10.67 -35.22
CA THR C 34 16.43 -10.54 -33.87
C THR C 34 17.59 -10.31 -32.91
N LEU C 35 17.32 -9.52 -31.86
CA LEU C 35 18.36 -9.23 -30.87
C LEU C 35 18.83 -10.50 -30.18
N SER C 36 17.89 -11.38 -29.81
CA SER C 36 18.26 -12.63 -29.16
C SER C 36 19.10 -13.50 -30.09
N GLN C 37 18.74 -13.55 -31.38
CA GLN C 37 19.48 -14.37 -32.33
C GLN C 37 20.93 -13.92 -32.45
N ILE C 38 21.16 -12.61 -32.49
CA ILE C 38 22.53 -12.11 -32.66
C ILE C 38 23.30 -12.20 -31.35
N THR C 39 22.62 -12.03 -30.22
CA THR C 39 23.29 -12.04 -28.92
C THR C 39 23.38 -13.42 -28.28
N ASN C 40 22.87 -14.46 -28.94
CA ASN C 40 22.99 -15.81 -28.38
C ASN C 40 24.43 -16.24 -28.17
N ASN C 41 25.38 -15.63 -28.88
CA ASN C 41 26.80 -15.97 -28.77
C ASN C 41 27.54 -15.01 -27.86
N ILE C 42 26.89 -14.52 -26.80
CA ILE C 42 27.49 -13.60 -25.85
C ILE C 42 27.52 -14.27 -24.48
N ASP C 43 28.64 -14.09 -23.78
CA ASP C 43 28.79 -14.71 -22.46
C ASP C 43 27.75 -14.17 -21.49
N PRO C 44 27.06 -15.03 -20.74
CA PRO C 44 26.07 -14.53 -19.79
C PRO C 44 26.70 -13.68 -18.70
N VAL C 45 25.93 -12.72 -18.20
CA VAL C 45 26.41 -11.85 -17.12
C VAL C 45 26.64 -12.66 -15.86
N GLY C 46 25.79 -13.66 -15.62
CA GLY C 46 25.88 -14.48 -14.43
C GLY C 46 25.09 -13.89 -13.27
N ARG C 47 25.08 -14.64 -12.16
CA ARG C 47 24.35 -14.22 -10.97
C ARG C 47 24.94 -12.92 -10.44
N ILE C 48 24.07 -11.97 -10.11
CA ILE C 48 24.48 -10.67 -9.61
C ILE C 48 24.04 -10.60 -8.15
N GLN C 49 25.00 -10.80 -7.24
CA GLN C 49 24.73 -10.74 -5.81
C GLN C 49 24.93 -9.31 -5.34
N MET C 50 23.82 -8.58 -5.22
CA MET C 50 23.82 -7.22 -4.69
C MET C 50 23.29 -7.24 -3.27
N ARG C 51 23.98 -6.56 -2.37
CA ARG C 51 23.56 -6.48 -0.98
C ARG C 51 23.41 -5.01 -0.58
N THR C 52 22.54 -4.78 0.40
CA THR C 52 22.31 -3.42 0.88
C THR C 52 23.49 -2.94 1.72
N ARG C 53 23.82 -1.66 1.56
CA ARG C 53 24.89 -1.02 2.32
C ARG C 53 24.37 0.05 3.27
N ARG C 54 23.37 0.82 2.85
CA ARG C 54 22.79 1.87 3.67
C ARG C 54 21.28 1.74 3.66
N THR C 55 20.65 2.17 4.76
CA THR C 55 19.20 2.19 4.86
C THR C 55 18.79 3.51 5.51
N LEU C 56 17.95 4.27 4.82
CA LEU C 56 17.51 5.58 5.30
C LEU C 56 16.14 5.44 5.93
N ARG C 57 16.04 5.79 7.22
CA ARG C 57 14.81 5.56 7.98
C ARG C 57 14.24 6.87 8.53
N GLY C 58 14.20 7.91 7.69
CA GLY C 58 13.68 9.18 8.13
C GLY C 58 12.23 9.40 7.77
N HIS C 59 11.82 8.94 6.60
CA HIS C 59 10.44 9.11 6.16
C HIS C 59 9.48 8.28 7.01
N LEU C 60 8.27 8.80 7.19
CA LEU C 60 7.24 8.13 7.97
C LEU C 60 5.99 7.84 7.13
N ALA C 61 6.11 7.87 5.80
CA ALA C 61 4.99 7.58 4.93
C ALA C 61 5.55 7.01 3.63
N LYS C 62 4.65 6.47 2.81
CA LYS C 62 5.07 5.84 1.57
C LYS C 62 5.72 6.87 0.63
N ILE C 63 6.73 6.41 -0.10
CA ILE C 63 7.62 7.27 -0.85
C ILE C 63 7.40 7.03 -2.34
N TYR C 64 7.24 8.11 -3.11
CA TYR C 64 7.04 7.93 -4.55
C TYR C 64 8.27 8.20 -5.41
N ALA C 65 9.00 9.29 -5.16
CA ALA C 65 10.02 9.71 -6.11
C ALA C 65 11.32 10.01 -5.41
N MET C 66 12.41 9.86 -6.16
CA MET C 66 13.74 10.23 -5.71
C MET C 66 14.61 10.44 -6.94
N HIS C 67 15.66 11.22 -6.75
CA HIS C 67 16.56 11.54 -7.86
C HIS C 67 17.97 11.72 -7.32
N TRP C 68 18.93 11.08 -7.97
CA TRP C 68 20.32 11.18 -7.55
C TRP C 68 20.89 12.53 -7.99
N GLY C 69 21.88 13.00 -7.24
CA GLY C 69 22.57 14.21 -7.59
C GLY C 69 23.58 13.99 -8.70
N THR C 70 24.13 15.10 -9.20
CA THR C 70 25.17 15.01 -10.22
C THR C 70 26.45 14.39 -9.66
N ASP C 71 26.74 14.64 -8.38
CA ASP C 71 27.92 14.09 -7.74
C ASP C 71 27.72 12.67 -7.24
N SER C 72 26.52 12.10 -7.40
CA SER C 72 26.22 10.73 -6.99
C SER C 72 26.38 10.53 -5.49
N ARG C 73 26.21 11.60 -4.72
CA ARG C 73 26.32 11.54 -3.27
C ARG C 73 25.07 12.02 -2.55
N LEU C 74 24.47 13.11 -3.02
CA LEU C 74 23.27 13.67 -2.41
C LEU C 74 22.04 13.23 -3.18
N LEU C 75 21.01 12.81 -2.46
CA LEU C 75 19.79 12.32 -3.11
C LEU C 75 18.56 12.88 -2.41
N VAL C 76 17.57 13.28 -3.20
CA VAL C 76 16.31 13.80 -2.69
C VAL C 76 15.27 12.69 -2.73
N SER C 77 14.31 12.75 -1.81
CA SER C 77 13.24 11.77 -1.74
C SER C 77 11.94 12.44 -1.33
N ALA C 78 10.83 11.98 -1.91
CA ALA C 78 9.52 12.58 -1.72
C ALA C 78 8.56 11.58 -1.08
N SER C 79 7.95 11.97 0.04
CA SER C 79 7.05 11.11 0.79
C SER C 79 5.73 11.81 1.07
N GLN C 80 4.66 11.01 1.08
CA GLN C 80 3.26 11.43 1.11
C GLN C 80 2.87 12.18 2.37
N ASP C 81 3.73 12.26 3.38
CA ASP C 81 3.49 13.13 4.51
C ASP C 81 3.85 14.57 4.20
N GLY C 82 3.93 14.92 2.92
CA GLY C 82 4.35 16.23 2.48
C GLY C 82 5.80 16.53 2.80
N LYS C 83 6.69 15.57 2.58
CA LYS C 83 8.08 15.75 3.00
C LYS C 83 9.02 15.51 1.83
N LEU C 84 10.03 16.36 1.74
CA LEU C 84 11.06 16.27 0.71
C LEU C 84 12.41 16.30 1.43
N ILE C 85 13.07 15.15 1.54
CA ILE C 85 14.29 15.03 2.33
C ILE C 85 15.47 14.85 1.40
N ILE C 86 16.50 15.67 1.60
CA ILE C 86 17.75 15.56 0.88
C ILE C 86 18.77 14.93 1.81
N TRP C 87 19.26 13.74 1.44
CA TRP C 87 20.19 12.96 2.24
C TRP C 87 21.59 13.00 1.61
N ASP C 88 22.59 12.91 2.48
CA ASP C 88 23.95 12.58 2.09
C ASP C 88 24.10 11.07 2.22
N SER C 89 24.16 10.38 1.07
CA SER C 89 24.13 8.92 1.09
C SER C 89 25.37 8.32 1.75
N TYR C 90 26.52 9.00 1.65
CA TYR C 90 27.76 8.45 2.19
C TYR C 90 27.68 8.32 3.71
N THR C 91 27.23 9.37 4.39
CA THR C 91 27.21 9.40 5.85
C THR C 91 25.82 9.22 6.45
N THR C 92 24.80 9.00 5.62
CA THR C 92 23.42 8.75 6.02
C THR C 92 22.77 9.97 6.64
N ASN C 93 23.50 11.06 6.82
CA ASN C 93 22.93 12.26 7.43
C ASN C 93 21.90 12.90 6.52
N LYS C 94 20.95 13.60 7.14
CA LYS C 94 19.92 14.33 6.41
C LYS C 94 20.41 15.75 6.18
N VAL C 95 20.73 16.08 4.93
CA VAL C 95 21.21 17.42 4.63
C VAL C 95 20.08 18.44 4.77
N HIS C 96 18.89 18.11 4.27
CA HIS C 96 17.79 19.05 4.30
C HIS C 96 16.46 18.30 4.46
N ALA C 97 15.49 18.99 5.03
CA ALA C 97 14.12 18.49 5.14
C ALA C 97 13.18 19.65 4.82
N ILE C 98 12.39 19.49 3.76
CA ILE C 98 11.52 20.54 3.26
C ILE C 98 10.08 20.09 3.45
N PRO C 99 9.25 20.87 4.15
CA PRO C 99 7.82 20.54 4.24
C PRO C 99 7.07 21.13 3.05
N LEU C 100 6.30 20.30 2.36
CA LEU C 100 5.56 20.72 1.19
C LEU C 100 4.17 21.21 1.58
N ARG C 101 3.69 22.22 0.85
CA ARG C 101 2.35 22.73 1.10
C ARG C 101 1.29 21.69 0.79
N SER C 102 1.46 20.95 -0.30
CA SER C 102 0.56 19.88 -0.69
C SER C 102 1.18 18.55 -0.28
N SER C 103 0.48 17.80 0.58
CA SER C 103 1.02 16.55 1.08
C SER C 103 1.03 15.45 0.03
N TRP C 104 0.28 15.61 -1.06
CA TRP C 104 0.16 14.56 -2.07
C TRP C 104 1.18 14.80 -3.19
N VAL C 105 2.41 14.39 -2.90
CA VAL C 105 3.51 14.48 -3.85
C VAL C 105 3.61 13.18 -4.63
N MET C 106 3.91 13.30 -5.92
CA MET C 106 4.07 12.14 -6.79
C MET C 106 5.36 12.15 -7.59
N THR C 107 6.11 13.24 -7.59
CA THR C 107 7.34 13.32 -8.36
C THR C 107 8.28 14.31 -7.69
N CYS C 108 9.57 14.15 -7.97
CA CYS C 108 10.58 15.09 -7.49
C CYS C 108 11.81 14.96 -8.37
N ALA C 109 12.50 16.09 -8.56
CA ALA C 109 13.71 16.12 -9.37
C ALA C 109 14.76 16.97 -8.65
N TYR C 110 16.01 16.66 -8.93
CA TYR C 110 17.14 17.38 -8.35
C TYR C 110 17.95 17.97 -9.50
N ALA C 111 18.17 19.28 -9.45
CA ALA C 111 18.76 19.98 -10.58
C ALA C 111 20.20 19.49 -10.82
N PRO C 112 20.63 19.45 -12.08
CA PRO C 112 22.02 19.04 -12.36
C PRO C 112 23.05 19.93 -11.69
N SER C 113 22.78 21.23 -11.58
CA SER C 113 23.69 22.12 -10.87
C SER C 113 23.59 21.93 -9.36
N GLY C 114 22.52 21.31 -8.88
CA GLY C 114 22.35 21.06 -7.46
C GLY C 114 21.80 22.21 -6.65
N ASN C 115 21.45 23.33 -7.29
CA ASN C 115 20.97 24.49 -6.57
C ASN C 115 19.46 24.52 -6.41
N TYR C 116 18.72 23.71 -7.17
CA TYR C 116 17.27 23.73 -7.14
C TYR C 116 16.73 22.31 -7.03
N VAL C 117 15.52 22.19 -6.48
CA VAL C 117 14.85 20.91 -6.34
C VAL C 117 13.41 21.06 -6.80
N ALA C 118 12.95 20.12 -7.63
CA ALA C 118 11.58 20.14 -8.14
C ALA C 118 10.68 19.23 -7.33
N CYS C 119 9.40 19.57 -7.30
CA CYS C 119 8.40 18.79 -6.59
C CYS C 119 7.05 19.02 -7.23
N GLY C 120 6.15 18.06 -7.07
CA GLY C 120 4.82 18.21 -7.64
C GLY C 120 3.96 17.00 -7.29
N GLY C 121 2.66 17.14 -7.60
CA GLY C 121 1.72 16.07 -7.32
C GLY C 121 0.30 16.36 -7.75
N LEU C 122 -0.65 16.03 -6.89
CA LEU C 122 -2.08 16.17 -7.20
C LEU C 122 -2.54 17.62 -7.24
N ASP C 123 -1.71 18.57 -6.81
CA ASP C 123 -2.08 19.98 -6.81
C ASP C 123 -1.89 20.64 -8.17
N ASN C 124 -1.39 19.90 -9.16
CA ASN C 124 -1.19 20.38 -10.53
C ASN C 124 -0.19 21.54 -10.59
N ILE C 125 0.60 21.74 -9.54
CA ILE C 125 1.56 22.83 -9.46
C ILE C 125 2.94 22.26 -9.27
N CYS C 126 3.88 22.70 -10.10
CA CYS C 126 5.28 22.28 -9.99
C CYS C 126 6.02 23.30 -9.13
N SER C 127 6.44 22.89 -7.94
CA SER C 127 7.14 23.78 -7.04
C SER C 127 8.64 23.57 -7.17
N ILE C 128 9.37 24.67 -7.37
CA ILE C 128 10.82 24.66 -7.47
C ILE C 128 11.37 25.38 -6.25
N TYR C 129 12.23 24.69 -5.51
CA TYR C 129 12.80 25.15 -4.26
C TYR C 129 14.26 25.52 -4.48
N ASN C 130 14.67 26.67 -3.97
CA ASN C 130 16.04 27.14 -4.07
C ASN C 130 16.81 26.65 -2.85
N LEU C 131 17.79 25.77 -3.07
CA LEU C 131 18.56 25.22 -1.96
C LEU C 131 19.59 26.21 -1.42
N LYS C 132 20.15 27.05 -2.27
CA LYS C 132 21.23 27.96 -1.90
C LYS C 132 20.66 29.36 -1.76
N THR C 133 20.57 29.85 -0.53
CA THR C 133 20.08 31.19 -0.25
C THR C 133 21.11 31.93 0.61
N ARG C 134 20.75 33.17 0.97
CA ARG C 134 21.65 34.01 1.76
C ARG C 134 21.86 33.47 3.17
N GLU C 135 20.87 32.76 3.72
CA GLU C 135 21.04 32.10 5.00
C GLU C 135 21.07 30.59 4.88
N GLY C 136 20.65 30.03 3.75
CA GLY C 136 20.56 28.60 3.57
C GLY C 136 19.20 28.01 3.86
N ASN C 137 18.25 28.82 4.34
CA ASN C 137 16.90 28.32 4.59
C ASN C 137 16.20 28.03 3.27
N VAL C 138 15.58 26.86 3.17
CA VAL C 138 14.89 26.47 1.95
C VAL C 138 13.55 27.19 1.86
N ARG C 139 13.22 27.66 0.67
CA ARG C 139 11.96 28.36 0.44
C ARG C 139 11.51 28.09 -0.99
N VAL C 140 10.21 28.31 -1.24
CA VAL C 140 9.65 28.07 -2.56
C VAL C 140 10.21 29.12 -3.52
N SER C 141 11.12 28.70 -4.39
CA SER C 141 11.68 29.63 -5.36
C SER C 141 10.62 30.07 -6.36
N ARG C 142 9.85 29.13 -6.89
CA ARG C 142 8.79 29.49 -7.83
C ARG C 142 7.80 28.35 -8.00
N GLU C 143 6.52 28.70 -8.10
CA GLU C 143 5.47 27.75 -8.40
C GLU C 143 5.01 27.92 -9.84
N LEU C 144 5.01 26.82 -10.59
CA LEU C 144 4.56 26.82 -11.98
C LEU C 144 3.17 26.18 -12.04
N ALA C 145 2.21 26.90 -12.61
CA ALA C 145 0.84 26.44 -12.71
C ALA C 145 0.37 26.53 -14.16
N GLY C 146 -0.61 25.72 -14.50
CA GLY C 146 -1.14 25.69 -15.85
C GLY C 146 -1.54 24.30 -16.29
N HIS C 147 -1.01 23.29 -15.64
CA HIS C 147 -1.38 21.92 -15.95
C HIS C 147 -2.77 21.61 -15.40
N THR C 148 -3.53 20.82 -16.15
CA THR C 148 -4.88 20.44 -15.73
C THR C 148 -4.87 19.19 -14.85
N GLY C 149 -4.22 18.12 -15.32
CA GLY C 149 -4.14 16.89 -14.56
C GLY C 149 -3.01 16.89 -13.56
N TYR C 150 -2.97 15.82 -12.76
CA TYR C 150 -1.95 15.70 -11.73
C TYR C 150 -0.55 15.63 -12.34
N LEU C 151 0.40 16.31 -11.70
CA LEU C 151 1.77 16.32 -12.18
C LEU C 151 2.44 14.99 -11.87
N SER C 152 2.73 14.20 -12.90
CA SER C 152 3.22 12.84 -12.68
C SER C 152 4.74 12.76 -12.65
N CYS C 153 5.43 13.56 -13.46
CA CYS C 153 6.88 13.53 -13.51
C CYS C 153 7.41 14.90 -13.87
N CYS C 154 8.66 15.14 -13.48
CA CYS C 154 9.33 16.40 -13.77
C CYS C 154 10.83 16.16 -13.78
N ARG C 155 11.52 16.76 -14.75
CA ARG C 155 12.96 16.63 -14.87
C ARG C 155 13.54 17.98 -15.25
N PHE C 156 14.65 18.36 -14.61
CA PHE C 156 15.31 19.62 -14.92
C PHE C 156 16.05 19.52 -16.25
N LEU C 157 15.53 20.19 -17.27
CA LEU C 157 16.26 20.27 -18.54
C LEU C 157 17.52 21.09 -18.39
N ASP C 158 17.50 22.10 -17.51
CA ASP C 158 18.61 23.02 -17.30
C ASP C 158 18.33 23.77 -16.00
N ASP C 159 19.26 24.63 -15.61
CA ASP C 159 19.05 25.44 -14.41
C ASP C 159 17.88 26.39 -14.55
N ASN C 160 17.46 26.69 -15.79
CA ASN C 160 16.35 27.60 -16.03
C ASN C 160 15.19 26.97 -16.78
N GLN C 161 15.33 25.75 -17.28
CA GLN C 161 14.28 25.08 -18.02
C GLN C 161 13.95 23.75 -17.37
N ILE C 162 12.66 23.45 -17.25
CA ILE C 162 12.19 22.20 -16.67
C ILE C 162 11.05 21.66 -17.53
N VAL C 163 11.07 20.35 -17.77
CA VAL C 163 10.05 19.67 -18.55
C VAL C 163 9.25 18.77 -17.62
N THR C 164 7.92 18.84 -17.72
CA THR C 164 7.02 18.12 -16.83
C THR C 164 5.96 17.40 -17.66
N SER C 165 5.34 16.39 -17.05
CA SER C 165 4.23 15.66 -17.65
C SER C 165 3.07 15.66 -16.67
N SER C 166 1.86 15.85 -17.17
CA SER C 166 0.71 16.00 -16.30
C SER C 166 -0.24 14.82 -16.42
N GLY C 167 -1.25 14.81 -15.54
CA GLY C 167 -2.25 13.76 -15.59
C GLY C 167 -3.04 13.76 -16.89
N ASP C 168 -3.43 14.94 -17.35
CA ASP C 168 -4.00 15.04 -18.69
C ASP C 168 -2.91 14.80 -19.72
N THR C 169 -3.34 14.51 -20.95
CA THR C 169 -2.41 14.13 -22.00
C THR C 169 -1.59 15.34 -22.45
N THR C 170 -0.66 15.78 -21.62
CA THR C 170 0.09 17.00 -21.93
C THR C 170 1.42 17.00 -21.18
N CYS C 171 2.49 17.24 -21.92
CA CYS C 171 3.79 17.59 -21.35
C CYS C 171 4.06 19.06 -21.62
N ALA C 172 4.87 19.67 -20.77
CA ALA C 172 5.14 21.11 -20.89
C ALA C 172 6.59 21.39 -20.56
N LEU C 173 7.24 22.16 -21.43
CA LEU C 173 8.58 22.69 -21.18
C LEU C 173 8.41 24.15 -20.75
N TRP C 174 8.83 24.45 -19.52
CA TRP C 174 8.60 25.74 -18.90
C TRP C 174 9.85 26.61 -18.97
N ASP C 175 9.69 27.85 -18.55
CA ASP C 175 10.79 28.78 -18.35
C ASP C 175 10.72 29.27 -16.92
N ILE C 176 11.63 28.77 -16.07
CA ILE C 176 11.57 29.06 -14.64
C ILE C 176 11.74 30.55 -14.37
N GLU C 177 12.47 31.25 -15.25
CA GLU C 177 12.70 32.67 -15.04
C GLU C 177 11.39 33.45 -15.10
N THR C 178 10.52 33.13 -16.05
CA THR C 178 9.26 33.84 -16.23
C THR C 178 8.06 33.09 -15.68
N GLY C 179 8.10 31.76 -15.64
CA GLY C 179 7.06 31.00 -14.98
C GLY C 179 5.87 30.61 -15.80
N GLN C 180 6.00 30.54 -17.13
CA GLN C 180 4.92 30.07 -17.99
C GLN C 180 5.48 29.08 -19.00
N GLN C 181 4.58 28.26 -19.54
CA GLN C 181 4.98 27.19 -20.45
C GLN C 181 5.59 27.76 -21.73
N THR C 182 6.85 27.44 -21.97
CA THR C 182 7.48 27.83 -23.23
C THR C 182 6.97 26.98 -24.39
N THR C 183 6.82 25.67 -24.16
CA THR C 183 6.35 24.76 -25.19
C THR C 183 5.40 23.74 -24.59
N THR C 184 4.44 23.28 -25.38
CA THR C 184 3.47 22.29 -24.96
C THR C 184 3.46 21.13 -25.95
N PHE C 185 3.57 19.92 -25.43
CA PHE C 185 3.55 18.69 -26.23
C PHE C 185 2.25 17.95 -25.95
N THR C 186 1.46 17.72 -27.00
CA THR C 186 0.19 17.04 -26.90
C THR C 186 0.08 16.00 -28.01
N GLY C 187 -0.76 15.00 -27.78
CA GLY C 187 -0.94 13.94 -28.75
C GLY C 187 -1.18 12.59 -28.10
N HIS C 188 -0.90 12.49 -26.81
CA HIS C 188 -1.15 11.26 -26.08
C HIS C 188 -2.66 11.04 -25.89
N THR C 189 -3.03 9.80 -25.60
CA THR C 189 -4.42 9.45 -25.38
C THR C 189 -4.75 9.27 -23.90
N GLY C 190 -3.84 8.71 -23.11
CA GLY C 190 -4.04 8.51 -21.70
C GLY C 190 -3.08 9.35 -20.86
N ASP C 191 -3.19 9.14 -19.54
CA ASP C 191 -2.35 9.87 -18.60
C ASP C 191 -0.88 9.53 -18.80
N VAL C 192 -0.04 10.56 -18.86
CA VAL C 192 1.40 10.37 -18.98
C VAL C 192 1.97 10.08 -17.59
N MET C 193 2.63 8.94 -17.45
CA MET C 193 3.05 8.47 -16.13
C MET C 193 4.53 8.70 -15.84
N SER C 194 5.39 8.67 -16.85
CA SER C 194 6.82 8.75 -16.63
C SER C 194 7.47 9.66 -17.66
N LEU C 195 8.69 10.09 -17.36
CA LEU C 195 9.46 10.95 -18.24
C LEU C 195 10.93 10.62 -18.09
N SER C 196 11.69 10.89 -19.14
CA SER C 196 13.13 10.63 -19.14
C SER C 196 13.78 11.55 -20.16
N LEU C 197 14.95 12.08 -19.80
CA LEU C 197 15.68 13.00 -20.66
C LEU C 197 16.88 12.30 -21.29
N ALA C 198 17.04 12.48 -22.59
CA ALA C 198 18.15 11.87 -23.30
C ALA C 198 19.47 12.53 -22.89
N PRO C 199 20.58 11.80 -22.95
CA PRO C 199 21.87 12.41 -22.59
C PRO C 199 22.25 13.60 -23.44
N ASP C 200 21.81 13.66 -24.70
CA ASP C 200 22.15 14.77 -25.57
C ASP C 200 21.26 15.99 -25.36
N THR C 201 20.26 15.88 -24.48
CA THR C 201 19.45 17.01 -24.03
C THR C 201 18.52 17.53 -25.14
N ARG C 202 18.57 16.89 -26.31
CA ARG C 202 17.76 17.34 -27.43
C ARG C 202 16.38 16.68 -27.46
N LEU C 203 16.27 15.45 -26.98
CA LEU C 203 15.03 14.69 -27.09
C LEU C 203 14.64 14.13 -25.72
N PHE C 204 13.38 13.73 -25.61
CA PHE C 204 12.91 13.05 -24.41
C PHE C 204 11.69 12.20 -24.77
N VAL C 205 11.53 11.09 -24.07
CA VAL C 205 10.43 10.16 -24.32
C VAL C 205 9.41 10.27 -23.20
N SER C 206 8.15 10.09 -23.55
CA SER C 206 7.05 10.11 -22.60
C SER C 206 6.21 8.86 -22.76
N GLY C 207 5.93 8.19 -21.65
CA GLY C 207 5.09 7.02 -21.65
C GLY C 207 3.75 7.29 -21.00
N ALA C 208 2.67 6.99 -21.71
CA ALA C 208 1.32 7.30 -21.25
C ALA C 208 0.56 6.02 -20.93
N CYS C 209 -0.69 6.18 -20.50
CA CYS C 209 -1.57 5.07 -20.17
C CYS C 209 -2.30 4.52 -21.39
N ASP C 210 -1.84 4.82 -22.60
CA ASP C 210 -2.43 4.29 -23.82
C ASP C 210 -1.59 3.17 -24.43
N ALA C 211 -0.70 2.56 -23.63
CA ALA C 211 0.20 1.50 -24.09
C ALA C 211 1.07 1.97 -25.26
N SER C 212 1.54 3.22 -25.20
CA SER C 212 2.39 3.78 -26.24
C SER C 212 3.36 4.77 -25.63
N ALA C 213 4.50 4.92 -26.28
CA ALA C 213 5.52 5.88 -25.89
C ALA C 213 5.85 6.79 -27.06
N LYS C 214 5.99 8.08 -26.77
CA LYS C 214 6.20 9.09 -27.80
C LYS C 214 7.52 9.82 -27.57
N LEU C 215 8.24 10.06 -28.66
CA LEU C 215 9.51 10.78 -28.62
C LEU C 215 9.28 12.23 -29.04
N TRP C 216 9.80 13.16 -28.25
CA TRP C 216 9.59 14.58 -28.46
C TRP C 216 10.94 15.29 -28.50
N ASP C 217 10.99 16.40 -29.22
CA ASP C 217 12.15 17.29 -29.23
C ASP C 217 11.75 18.63 -28.63
N VAL C 218 12.56 19.11 -27.67
CA VAL C 218 12.17 20.28 -26.91
C VAL C 218 12.32 21.56 -27.72
N ARG C 219 13.07 21.52 -28.82
CA ARG C 219 13.34 22.74 -29.57
C ARG C 219 12.09 23.21 -30.33
N GLU C 220 11.58 22.37 -31.23
CA GLU C 220 10.43 22.77 -32.03
C GLU C 220 9.11 22.22 -31.48
N GLY C 221 9.12 21.03 -30.90
CA GLY C 221 8.01 20.60 -30.08
C GLY C 221 6.87 19.85 -30.75
N MET C 222 7.17 18.76 -31.44
CA MET C 222 6.14 17.84 -31.90
C MET C 222 6.70 16.42 -31.92
N CYS C 223 5.79 15.45 -31.83
CA CYS C 223 6.20 14.06 -31.68
C CYS C 223 6.91 13.56 -32.93
N ARG C 224 8.06 12.92 -32.74
CA ARG C 224 8.85 12.41 -33.84
C ARG C 224 8.58 10.94 -34.12
N GLN C 225 8.42 10.13 -33.08
CA GLN C 225 8.15 8.71 -33.24
C GLN C 225 7.19 8.25 -32.16
N THR C 226 6.40 7.23 -32.49
CA THR C 226 5.44 6.63 -31.56
C THR C 226 5.61 5.11 -31.60
N PHE C 227 5.71 4.50 -30.42
CA PHE C 227 5.88 3.06 -30.29
C PHE C 227 4.71 2.49 -29.51
N THR C 228 4.10 1.43 -30.05
CA THR C 228 2.91 0.83 -29.48
C THR C 228 3.11 -0.67 -29.26
N GLY C 229 4.25 -1.04 -28.66
CA GLY C 229 4.51 -2.45 -28.42
C GLY C 229 3.79 -3.02 -27.23
N HIS C 230 3.49 -2.18 -26.23
CA HIS C 230 2.87 -2.66 -25.01
C HIS C 230 1.36 -2.86 -25.22
N GLU C 231 0.71 -3.45 -24.22
CA GLU C 231 -0.73 -3.66 -24.25
C GLU C 231 -1.39 -3.27 -22.94
N SER C 232 -0.76 -2.41 -22.15
CA SER C 232 -1.36 -1.90 -20.92
C SER C 232 -0.66 -0.59 -20.56
N ASP C 233 -1.02 -0.04 -19.40
CA ASP C 233 -0.49 1.24 -18.97
C ASP C 233 1.02 1.16 -18.76
N ILE C 234 1.73 2.16 -19.26
CA ILE C 234 3.18 2.27 -19.07
C ILE C 234 3.44 3.12 -17.85
N ASN C 235 4.22 2.59 -16.91
CA ASN C 235 4.47 3.27 -15.64
C ASN C 235 5.86 3.87 -15.53
N ALA C 236 6.85 3.37 -16.27
CA ALA C 236 8.20 3.87 -16.15
C ALA C 236 8.90 3.79 -17.50
N ILE C 237 9.73 4.80 -17.78
CA ILE C 237 10.53 4.85 -18.99
C ILE C 237 11.92 5.38 -18.63
N CYS C 238 12.90 5.04 -19.47
CA CYS C 238 14.28 5.47 -19.26
C CYS C 238 15.13 5.22 -20.50
N PHE C 239 15.87 6.23 -20.95
CA PHE C 239 16.80 6.04 -22.05
C PHE C 239 17.94 5.12 -21.70
N PHE C 240 18.40 4.38 -22.71
CA PHE C 240 19.68 3.70 -22.64
C PHE C 240 20.80 4.74 -22.54
N PRO C 241 21.90 4.40 -21.85
CA PRO C 241 23.01 5.37 -21.75
C PRO C 241 23.54 5.83 -23.10
N ASN C 242 23.44 4.98 -24.13
CA ASN C 242 23.85 5.40 -25.47
C ASN C 242 23.00 6.55 -25.98
N GLY C 243 21.75 6.63 -25.55
CA GLY C 243 20.85 7.67 -26.02
C GLY C 243 20.07 7.32 -27.26
N ASN C 244 20.31 6.16 -27.86
CA ASN C 244 19.62 5.73 -29.07
C ASN C 244 18.60 4.62 -28.79
N ALA C 245 18.25 4.41 -27.53
CA ALA C 245 17.29 3.38 -27.16
C ALA C 245 16.73 3.70 -25.79
N PHE C 246 15.64 3.02 -25.44
CA PHE C 246 15.04 3.19 -24.12
C PHE C 246 14.27 1.94 -23.76
N ALA C 247 13.83 1.90 -22.50
CA ALA C 247 13.11 0.76 -21.96
C ALA C 247 11.81 1.23 -21.32
N THR C 248 10.77 0.41 -21.44
CA THR C 248 9.45 0.73 -20.92
C THR C 248 8.98 -0.40 -20.02
N GLY C 249 8.49 -0.05 -18.84
CA GLY C 249 7.84 -0.98 -17.94
C GLY C 249 6.35 -0.70 -17.89
N SER C 250 5.55 -1.75 -17.87
CA SER C 250 4.10 -1.61 -17.95
C SER C 250 3.45 -2.50 -16.90
N ASP C 251 2.11 -2.53 -16.93
CA ASP C 251 1.33 -3.41 -16.07
C ASP C 251 1.21 -4.82 -16.63
N ASP C 252 1.81 -5.09 -17.78
CA ASP C 252 1.81 -6.41 -18.39
C ASP C 252 2.72 -7.40 -17.69
N ALA C 253 3.36 -7.00 -16.59
CA ALA C 253 4.45 -7.76 -16.00
C ALA C 253 5.58 -7.97 -17.02
N THR C 254 5.73 -7.02 -17.92
CA THR C 254 6.65 -7.13 -19.04
C THR C 254 7.38 -5.82 -19.24
N CYS C 255 8.69 -5.90 -19.40
CA CYS C 255 9.52 -4.76 -19.78
C CYS C 255 9.98 -4.94 -21.22
N ARG C 256 9.95 -3.86 -22.00
CA ARG C 256 10.29 -3.93 -23.40
C ARG C 256 11.36 -2.89 -23.73
N LEU C 257 12.14 -3.19 -24.77
CA LEU C 257 13.21 -2.30 -25.21
C LEU C 257 12.91 -1.78 -26.60
N PHE C 258 12.98 -0.47 -26.77
CA PHE C 258 12.72 0.19 -28.05
C PHE C 258 13.96 0.91 -28.52
N ASP C 259 14.11 1.00 -29.84
CA ASP C 259 15.18 1.76 -30.48
C ASP C 259 14.56 2.82 -31.37
N LEU C 260 15.08 4.04 -31.28
CA LEU C 260 14.57 5.13 -32.11
C LEU C 260 14.84 4.87 -33.59
N ARG C 261 16.04 4.40 -33.93
CA ARG C 261 16.36 4.14 -35.33
C ARG C 261 15.62 2.92 -35.85
N ALA C 262 15.54 1.85 -35.06
CA ALA C 262 14.79 0.67 -35.47
C ALA C 262 13.29 0.93 -35.48
N ASP C 263 12.80 1.77 -34.56
CA ASP C 263 11.40 2.17 -34.51
C ASP C 263 10.47 0.97 -34.33
N GLN C 264 10.91 0.01 -33.52
CA GLN C 264 10.10 -1.19 -33.25
C GLN C 264 10.69 -1.90 -32.04
N GLU C 265 10.11 -3.05 -31.71
CA GLU C 265 10.60 -3.87 -30.60
C GLU C 265 12.00 -4.37 -30.85
N LEU C 266 12.79 -4.47 -29.79
CA LEU C 266 14.05 -5.19 -29.80
C LEU C 266 14.04 -6.41 -28.89
N MET C 267 13.67 -6.24 -27.63
CA MET C 267 13.69 -7.34 -26.67
C MET C 267 12.55 -7.19 -25.68
N THR C 268 12.03 -8.33 -25.25
CA THR C 268 10.96 -8.44 -24.27
C THR C 268 11.49 -9.10 -23.00
N TYR C 269 11.04 -8.62 -21.85
CA TYR C 269 11.57 -9.09 -20.58
C TYR C 269 10.48 -9.73 -19.73
N SER C 270 9.66 -10.58 -20.33
CA SER C 270 8.57 -11.22 -19.63
C SER C 270 9.02 -12.52 -18.97
N HIS C 271 8.33 -12.89 -17.89
CA HIS C 271 8.58 -14.13 -17.19
C HIS C 271 7.25 -14.69 -16.70
N ASP C 272 7.13 -16.02 -16.72
CA ASP C 272 5.86 -16.65 -16.34
C ASP C 272 5.53 -16.42 -14.86
N ASN C 273 6.55 -16.50 -13.99
CA ASN C 273 6.31 -16.37 -12.57
C ASN C 273 5.98 -14.94 -12.14
N ILE C 274 6.15 -13.96 -13.02
CA ILE C 274 5.88 -12.57 -12.69
C ILE C 274 4.47 -12.21 -13.13
N ILE C 275 3.67 -11.68 -12.21
CA ILE C 275 2.27 -11.36 -12.49
C ILE C 275 2.04 -9.87 -12.28
N CYS C 276 2.81 -9.26 -11.39
CA CYS C 276 2.62 -7.86 -11.05
C CYS C 276 3.27 -6.96 -12.08
N GLY C 277 2.82 -5.70 -12.11
CA GLY C 277 3.35 -4.73 -13.04
C GLY C 277 4.70 -4.17 -12.59
N ILE C 278 5.25 -3.31 -13.44
CA ILE C 278 6.54 -2.67 -13.20
C ILE C 278 6.30 -1.21 -12.87
N THR C 279 6.92 -0.73 -11.80
CA THR C 279 6.75 0.64 -11.36
C THR C 279 7.96 1.53 -11.63
N SER C 280 9.14 0.95 -11.82
CA SER C 280 10.35 1.74 -12.05
C SER C 280 11.31 0.96 -12.92
N VAL C 281 11.95 1.65 -13.86
CA VAL C 281 12.92 1.06 -14.77
C VAL C 281 14.13 1.98 -14.85
N SER C 282 15.32 1.41 -14.76
CA SER C 282 16.55 2.18 -14.90
C SER C 282 17.65 1.27 -15.43
N PHE C 283 18.66 1.89 -16.03
CA PHE C 283 19.80 1.19 -16.59
C PHE C 283 21.04 1.42 -15.72
N SER C 284 22.02 0.55 -15.90
CA SER C 284 23.33 0.75 -15.29
C SER C 284 24.13 1.72 -16.15
N LYS C 285 25.37 2.00 -15.74
CA LYS C 285 26.20 2.95 -16.47
C LYS C 285 26.52 2.43 -17.87
N SER C 286 26.85 1.14 -17.99
CA SER C 286 27.12 0.55 -19.30
C SER C 286 25.86 0.15 -20.05
N GLY C 287 24.72 0.09 -19.35
CA GLY C 287 23.48 -0.31 -19.98
C GLY C 287 23.27 -1.80 -20.11
N ARG C 288 24.23 -2.63 -19.68
CA ARG C 288 24.07 -4.07 -19.80
C ARG C 288 23.01 -4.59 -18.84
N LEU C 289 22.88 -3.98 -17.67
CA LEU C 289 21.93 -4.41 -16.65
C LEU C 289 20.75 -3.47 -16.62
N LEU C 290 19.55 -4.03 -16.56
CA LEU C 290 18.31 -3.27 -16.46
C LEU C 290 17.65 -3.61 -15.13
N LEU C 291 17.56 -2.63 -14.24
CA LEU C 291 16.97 -2.83 -12.93
C LEU C 291 15.52 -2.38 -12.96
N ALA C 292 14.61 -3.29 -12.67
CA ALA C 292 13.18 -3.02 -12.74
C ALA C 292 12.54 -3.29 -11.39
N GLY C 293 11.82 -2.29 -10.87
CA GLY C 293 11.08 -2.45 -9.63
C GLY C 293 9.69 -2.98 -9.92
N TYR C 294 9.28 -3.99 -9.16
CA TYR C 294 8.01 -4.66 -9.38
C TYR C 294 7.08 -4.43 -8.19
N ASP C 295 5.80 -4.71 -8.41
CA ASP C 295 4.80 -4.55 -7.36
C ASP C 295 4.81 -5.69 -6.35
N ASP C 296 5.41 -6.83 -6.67
CA ASP C 296 5.42 -7.96 -5.75
C ASP C 296 6.59 -7.87 -4.77
N PHE C 297 6.71 -6.72 -4.12
CA PHE C 297 7.60 -6.47 -2.99
C PHE C 297 9.08 -6.56 -3.35
N ASN C 298 9.42 -6.80 -4.61
CA ASN C 298 10.78 -7.15 -5.00
C ASN C 298 11.29 -6.23 -6.10
N CYS C 299 12.49 -6.55 -6.58
CA CYS C 299 13.13 -5.85 -7.69
C CYS C 299 13.99 -6.84 -8.45
N ASN C 300 14.02 -6.73 -9.77
CA ASN C 300 14.70 -7.69 -10.61
C ASN C 300 15.80 -7.01 -11.43
N VAL C 301 16.83 -7.78 -11.76
CA VAL C 301 17.92 -7.33 -12.62
C VAL C 301 17.92 -8.20 -13.87
N TRP C 302 17.81 -7.57 -15.02
CA TRP C 302 17.70 -8.26 -16.30
C TRP C 302 18.95 -7.99 -17.14
N ASP C 303 19.47 -9.04 -17.77
CA ASP C 303 20.54 -8.88 -18.74
C ASP C 303 19.93 -8.33 -20.03
N ALA C 304 20.21 -7.06 -20.33
CA ALA C 304 19.51 -6.38 -21.42
C ALA C 304 19.73 -7.05 -22.75
N LEU C 305 20.87 -7.70 -22.95
CA LEU C 305 21.16 -8.35 -24.22
C LEU C 305 20.70 -9.80 -24.27
N LYS C 306 20.27 -10.37 -23.14
CA LYS C 306 19.83 -11.76 -23.09
C LYS C 306 18.41 -11.95 -22.55
N ALA C 307 17.81 -10.92 -21.95
CA ALA C 307 16.46 -11.02 -21.39
C ALA C 307 16.35 -12.15 -20.36
N ASP C 308 17.41 -12.33 -19.57
CA ASP C 308 17.45 -13.35 -18.54
C ASP C 308 17.68 -12.68 -17.19
N ARG C 309 16.93 -13.10 -16.18
CA ARG C 309 17.09 -12.54 -14.86
C ARG C 309 18.47 -12.88 -14.31
N ALA C 310 19.12 -11.87 -13.71
CA ALA C 310 20.44 -12.04 -13.14
C ALA C 310 20.48 -11.92 -11.62
N GLY C 311 19.47 -11.31 -11.01
CA GLY C 311 19.44 -11.18 -9.57
C GLY C 311 18.15 -10.53 -9.12
N VAL C 312 17.90 -10.63 -7.82
CA VAL C 312 16.70 -10.11 -7.19
C VAL C 312 17.11 -9.20 -6.04
N LEU C 313 16.56 -8.00 -6.01
CA LEU C 313 16.83 -7.04 -4.93
C LEU C 313 15.72 -7.10 -3.89
N ALA C 314 15.59 -8.27 -3.26
CA ALA C 314 14.60 -8.46 -2.22
C ALA C 314 15.04 -7.78 -0.93
N GLY C 315 14.06 -7.36 -0.13
CA GLY C 315 14.36 -6.70 1.12
C GLY C 315 13.41 -5.55 1.46
N HIS C 316 12.46 -5.26 0.59
CA HIS C 316 11.51 -4.20 0.80
C HIS C 316 10.19 -4.77 1.29
N ASP C 317 9.63 -4.17 2.34
CA ASP C 317 8.40 -4.65 2.95
C ASP C 317 7.14 -4.22 2.20
N ASN C 318 7.27 -3.40 1.16
CA ASN C 318 6.14 -2.96 0.35
C ASN C 318 6.60 -2.87 -1.10
N ARG C 319 5.72 -2.38 -1.96
CA ARG C 319 6.04 -2.30 -3.38
C ARG C 319 7.11 -1.25 -3.64
N VAL C 320 8.02 -1.57 -4.54
CA VAL C 320 9.10 -0.65 -4.92
C VAL C 320 8.52 0.39 -5.87
N SER C 321 8.43 1.64 -5.40
CA SER C 321 7.83 2.71 -6.20
C SER C 321 8.84 3.46 -7.04
N CYS C 322 10.06 3.67 -6.53
CA CYS C 322 11.06 4.46 -7.22
C CYS C 322 12.40 3.74 -7.21
N LEU C 323 13.15 3.92 -8.30
CA LEU C 323 14.46 3.30 -8.44
C LEU C 323 15.39 4.30 -9.12
N GLY C 324 16.65 4.29 -8.73
CA GLY C 324 17.62 5.21 -9.29
C GLY C 324 19.01 4.61 -9.31
N VAL C 325 19.80 5.04 -10.29
CA VAL C 325 21.19 4.60 -10.43
C VAL C 325 22.07 5.84 -10.50
N THR C 326 23.19 5.82 -9.78
CA THR C 326 24.09 6.95 -9.74
C THR C 326 24.69 7.22 -11.11
N ASP C 327 25.17 8.45 -11.30
CA ASP C 327 25.76 8.83 -12.57
C ASP C 327 27.02 8.01 -12.85
N ASP C 328 27.85 7.79 -11.83
CA ASP C 328 29.03 6.96 -11.97
C ASP C 328 28.73 5.48 -11.81
N GLY C 329 27.48 5.12 -11.52
CA GLY C 329 27.10 3.73 -11.37
C GLY C 329 27.75 3.03 -10.20
N MET C 330 27.90 3.73 -9.07
CA MET C 330 28.53 3.13 -7.90
C MET C 330 27.54 2.40 -7.00
N ALA C 331 26.28 2.83 -6.98
CA ALA C 331 25.28 2.19 -6.14
C ALA C 331 23.91 2.40 -6.76
N VAL C 332 22.96 1.57 -6.35
CA VAL C 332 21.59 1.63 -6.85
C VAL C 332 20.65 1.87 -5.68
N ALA C 333 19.89 2.95 -5.73
CA ALA C 333 18.93 3.27 -4.70
C ALA C 333 17.56 2.76 -5.09
N THR C 334 16.83 2.21 -4.12
CA THR C 334 15.45 1.78 -4.32
C THR C 334 14.60 2.27 -3.15
N GLY C 335 13.53 2.99 -3.46
CA GLY C 335 12.57 3.39 -2.45
C GLY C 335 11.31 2.56 -2.57
N SER C 336 10.50 2.52 -1.52
CA SER C 336 9.30 1.70 -1.52
C SER C 336 8.26 2.35 -0.62
N TRP C 337 7.10 1.72 -0.53
CA TRP C 337 5.99 2.26 0.24
C TRP C 337 6.11 2.01 1.73
N ASP C 338 7.13 1.26 2.17
CA ASP C 338 7.38 1.06 3.60
C ASP C 338 8.19 2.20 4.21
N SER C 339 8.31 3.33 3.53
CA SER C 339 8.99 4.52 4.04
C SER C 339 10.47 4.27 4.29
N PHE C 340 11.10 3.44 3.46
CA PHE C 340 12.52 3.16 3.56
C PHE C 340 13.18 3.26 2.19
N LEU C 341 14.35 3.88 2.15
CA LEU C 341 15.22 3.83 0.98
C LEU C 341 16.38 2.89 1.27
N LYS C 342 16.64 1.96 0.36
CA LYS C 342 17.73 1.02 0.48
C LYS C 342 18.71 1.25 -0.65
N ILE C 343 19.98 1.42 -0.30
CA ILE C 343 21.05 1.57 -1.27
C ILE C 343 21.77 0.23 -1.38
N TRP C 344 21.93 -0.26 -2.60
CA TRP C 344 22.48 -1.58 -2.87
C TRP C 344 23.76 -1.45 -3.68
N ASN C 345 24.69 -2.37 -3.40
CA ASN C 345 25.97 -2.40 -4.09
C ASN C 345 26.43 -3.84 -4.22
N GLY C 346 27.35 -4.07 -5.15
CA GLY C 346 27.93 -5.39 -5.32
C GLY C 346 29.20 -5.58 -4.52
N SER C 347 29.56 -6.85 -4.31
CA SER C 347 30.76 -7.21 -3.58
C SER C 347 31.64 -8.09 -4.45
N SER C 348 32.94 -7.84 -4.39
CA SER C 348 33.90 -8.61 -5.18
C SER C 348 34.10 -10.00 -4.60
N THR D 6 -16.70 20.03 -36.52
CA THR D 6 -16.79 19.41 -35.21
C THR D 6 -15.41 19.05 -34.68
N ALA D 7 -15.36 18.53 -33.45
CA ALA D 7 -14.09 18.12 -32.88
C ALA D 7 -13.60 16.79 -33.47
N SER D 8 -14.52 15.95 -33.92
CA SER D 8 -14.14 14.64 -34.46
C SER D 8 -13.29 14.80 -35.71
N ILE D 9 -13.71 15.67 -36.64
CA ILE D 9 -12.93 15.87 -37.86
C ILE D 9 -11.59 16.51 -37.55
N ALA D 10 -11.55 17.41 -36.57
CA ALA D 10 -10.29 18.04 -36.19
C ALA D 10 -9.31 17.02 -35.63
N GLN D 11 -9.77 16.18 -34.71
CA GLN D 11 -8.87 15.17 -34.15
C GLN D 11 -8.47 14.15 -35.21
N ALA D 12 -9.38 13.81 -36.13
CA ALA D 12 -9.03 12.88 -37.20
C ALA D 12 -7.96 13.46 -38.11
N ARG D 13 -8.09 14.74 -38.47
CA ARG D 13 -7.09 15.34 -39.36
C ARG D 13 -5.76 15.50 -38.65
N LYS D 14 -5.77 15.85 -37.36
CA LYS D 14 -4.52 15.89 -36.61
C LYS D 14 -3.87 14.52 -36.55
N LEU D 15 -4.67 13.47 -36.33
CA LEU D 15 -4.13 12.13 -36.25
C LEU D 15 -3.52 11.70 -37.58
N VAL D 16 -4.23 11.95 -38.68
CA VAL D 16 -3.70 11.53 -39.97
C VAL D 16 -2.46 12.33 -40.33
N GLU D 17 -2.42 13.62 -39.95
CA GLU D 17 -1.20 14.40 -40.16
C GLU D 17 -0.04 13.82 -39.37
N GLN D 18 -0.29 13.44 -38.12
CA GLN D 18 0.77 12.85 -37.30
C GLN D 18 1.26 11.54 -37.91
N LEU D 19 0.36 10.69 -38.39
CA LEU D 19 0.78 9.43 -39.00
C LEU D 19 1.55 9.66 -40.30
N LYS D 20 1.13 10.61 -41.14
CA LYS D 20 1.88 10.83 -42.37
C LYS D 20 3.23 11.49 -42.10
N MET D 21 3.33 12.26 -41.03
CA MET D 21 4.65 12.75 -40.63
C MET D 21 5.49 11.62 -40.02
N GLU D 22 4.84 10.62 -39.43
CA GLU D 22 5.56 9.48 -38.87
C GLU D 22 6.11 8.58 -39.98
N ALA D 23 5.36 8.41 -41.07
CA ALA D 23 5.70 7.42 -42.07
C ALA D 23 6.82 7.84 -43.02
N ASN D 24 7.22 9.12 -43.01
CA ASN D 24 8.23 9.58 -43.96
C ASN D 24 9.66 9.33 -43.48
N ILE D 25 9.85 8.93 -42.22
CA ILE D 25 11.20 8.74 -41.71
C ILE D 25 11.83 7.50 -42.33
N ASP D 26 13.15 7.41 -42.22
CA ASP D 26 13.92 6.29 -42.74
C ASP D 26 14.38 5.43 -41.57
N ARG D 27 14.15 4.13 -41.67
CA ARG D 27 14.51 3.19 -40.62
C ARG D 27 15.90 2.59 -40.88
N ILE D 28 16.46 2.00 -39.83
CA ILE D 28 17.76 1.35 -39.87
C ILE D 28 17.58 -0.12 -39.52
N LYS D 29 18.29 -0.99 -40.23
CA LYS D 29 18.13 -2.43 -40.05
C LYS D 29 18.34 -2.82 -38.60
N VAL D 30 17.48 -3.71 -38.10
CA VAL D 30 17.51 -4.11 -36.70
C VAL D 30 18.82 -4.77 -36.35
N SER D 31 19.43 -5.50 -37.29
CA SER D 31 20.73 -6.12 -37.02
C SER D 31 21.79 -5.08 -36.73
N LYS D 32 21.82 -4.00 -37.51
CA LYS D 32 22.78 -2.93 -37.27
C LYS D 32 22.54 -2.26 -35.92
N ALA D 33 21.27 -2.03 -35.58
CA ALA D 33 20.94 -1.42 -34.30
C ALA D 33 21.39 -2.31 -33.14
N ALA D 34 21.14 -3.62 -33.25
CA ALA D 34 21.58 -4.55 -32.22
C ALA D 34 23.11 -4.57 -32.11
N ALA D 35 23.80 -4.54 -33.25
CA ALA D 35 25.26 -4.52 -33.23
C ALA D 35 25.78 -3.27 -32.54
N ASP D 36 25.19 -2.11 -32.85
CA ASP D 36 25.60 -0.88 -32.18
C ASP D 36 25.33 -0.92 -30.68
N LEU D 37 24.16 -1.44 -30.29
CA LEU D 37 23.82 -1.52 -28.88
C LEU D 37 24.78 -2.42 -28.13
N MET D 38 25.07 -3.61 -28.68
CA MET D 38 26.00 -4.51 -28.01
C MET D 38 27.42 -3.99 -28.02
N ALA D 39 27.83 -3.27 -29.06
CA ALA D 39 29.14 -2.63 -29.06
C ALA D 39 29.24 -1.58 -27.96
N TYR D 40 28.19 -0.78 -27.77
CA TYR D 40 28.20 0.18 -26.67
C TYR D 40 28.23 -0.53 -25.33
N CYS D 41 27.49 -1.63 -25.19
CA CYS D 41 27.49 -2.37 -23.93
C CYS D 41 28.86 -2.92 -23.60
N GLU D 42 29.55 -3.50 -24.59
CA GLU D 42 30.85 -4.10 -24.32
C GLU D 42 31.95 -3.05 -24.17
N ALA D 43 31.80 -1.90 -24.83
CA ALA D 43 32.83 -0.86 -24.76
C ALA D 43 32.96 -0.30 -23.34
N HIS D 44 31.83 -0.10 -22.67
CA HIS D 44 31.81 0.48 -21.32
C HIS D 44 31.63 -0.59 -20.25
N ALA D 45 31.89 -1.86 -20.57
CA ALA D 45 31.70 -2.93 -19.60
C ALA D 45 32.65 -2.78 -18.42
N LYS D 46 33.90 -2.38 -18.68
CA LYS D 46 34.87 -2.24 -17.61
C LYS D 46 34.47 -1.14 -16.62
N GLU D 47 33.94 -0.03 -17.14
CA GLU D 47 33.56 1.10 -16.30
C GLU D 47 32.12 0.99 -15.80
N ASP D 48 31.79 -0.14 -15.18
CA ASP D 48 30.48 -0.36 -14.57
C ASP D 48 30.66 -1.15 -13.30
N PRO D 49 30.62 -0.48 -12.14
CA PRO D 49 30.72 -1.21 -10.87
C PRO D 49 29.61 -2.22 -10.64
N LEU D 50 28.44 -2.03 -11.25
CA LEU D 50 27.36 -3.01 -11.10
C LEU D 50 27.71 -4.34 -11.75
N LEU D 51 28.15 -4.31 -13.01
CA LEU D 51 28.46 -5.56 -13.70
C LEU D 51 29.72 -6.19 -13.14
N THR D 52 30.79 -5.41 -12.97
CA THR D 52 32.00 -5.87 -12.32
C THR D 52 32.12 -5.20 -10.96
N PRO D 53 31.94 -5.94 -9.85
CA PRO D 53 32.01 -5.31 -8.53
C PRO D 53 33.38 -4.67 -8.30
N VAL D 54 33.36 -3.51 -7.67
CA VAL D 54 34.57 -2.73 -7.42
C VAL D 54 35.19 -3.20 -6.12
N PRO D 55 36.53 -3.20 -5.99
CA PRO D 55 37.13 -3.53 -4.69
C PRO D 55 36.69 -2.57 -3.61
N ALA D 56 36.54 -3.10 -2.40
CA ALA D 56 36.00 -2.34 -1.27
C ALA D 56 36.92 -1.22 -0.81
N SER D 57 38.18 -1.20 -1.26
CA SER D 57 39.10 -0.16 -0.82
C SER D 57 38.64 1.22 -1.28
N GLU D 58 38.17 1.32 -2.53
CA GLU D 58 37.68 2.59 -3.06
C GLU D 58 36.17 2.57 -3.28
N ASN D 59 35.44 1.70 -2.57
CA ASN D 59 33.98 1.71 -2.63
C ASN D 59 33.47 2.65 -1.55
N PRO D 60 32.87 3.79 -1.89
CA PRO D 60 32.46 4.76 -0.87
C PRO D 60 31.33 4.28 0.02
N PHE D 61 30.56 3.29 -0.41
CA PHE D 61 29.41 2.81 0.34
C PHE D 61 29.73 1.63 1.25
N ARG D 62 31.02 1.30 1.41
CA ARG D 62 31.43 0.19 2.27
C ARG D 62 30.96 0.43 3.70
N GLN E 3 -2.75 -0.20 -30.49
CA GLN E 3 -2.25 -1.51 -30.91
C GLN E 3 -3.22 -2.61 -30.50
N VAL E 4 -4.06 -2.31 -29.50
CA VAL E 4 -5.03 -3.29 -29.03
C VAL E 4 -5.98 -3.69 -30.16
N GLN E 5 -6.45 -2.71 -30.93
CA GLN E 5 -7.24 -2.93 -32.14
C GLN E 5 -8.49 -3.77 -31.85
N LEU E 6 -9.35 -3.24 -31.00
CA LEU E 6 -10.63 -3.86 -30.69
C LEU E 6 -11.63 -3.44 -31.76
N GLN E 7 -11.94 -4.34 -32.68
CA GLN E 7 -12.82 -4.05 -33.80
C GLN E 7 -14.07 -4.91 -33.70
N GLU E 8 -15.23 -4.28 -33.71
CA GLU E 8 -16.49 -5.00 -33.64
C GLU E 8 -17.32 -4.72 -34.89
N SER E 9 -18.38 -5.49 -35.06
CA SER E 9 -19.22 -5.40 -36.25
C SER E 9 -20.66 -5.72 -35.84
N GLY E 10 -21.51 -5.98 -36.83
CA GLY E 10 -22.90 -6.23 -36.56
C GLY E 10 -23.73 -4.95 -36.50
N GLY E 11 -24.96 -5.10 -36.03
CA GLY E 11 -25.86 -3.98 -35.92
C GLY E 11 -26.53 -3.65 -37.25
N GLY E 12 -27.28 -2.54 -37.23
CA GLY E 12 -28.03 -2.07 -38.37
C GLY E 12 -29.40 -1.58 -37.95
N LEU E 13 -30.27 -1.42 -38.93
CA LEU E 13 -31.65 -0.99 -38.70
C LEU E 13 -32.55 -2.21 -38.60
N VAL E 14 -33.24 -2.35 -37.47
CA VAL E 14 -34.13 -3.49 -37.24
C VAL E 14 -35.42 -3.00 -36.61
N GLN E 15 -36.45 -3.83 -36.74
CA GLN E 15 -37.73 -3.57 -36.08
C GLN E 15 -37.66 -3.99 -34.62
N PRO E 16 -38.51 -3.41 -33.77
CA PRO E 16 -38.52 -3.82 -32.35
C PRO E 16 -38.84 -5.30 -32.22
N GLY E 17 -38.22 -5.92 -31.23
CA GLY E 17 -38.38 -7.36 -31.02
C GLY E 17 -37.47 -8.23 -31.84
N GLY E 18 -36.49 -7.65 -32.53
CA GLY E 18 -35.59 -8.41 -33.36
C GLY E 18 -34.47 -9.05 -32.56
N SER E 19 -33.52 -9.65 -33.29
CA SER E 19 -32.38 -10.33 -32.70
C SER E 19 -31.10 -9.85 -33.39
N LEU E 20 -30.13 -9.40 -32.59
CA LEU E 20 -28.85 -8.94 -33.11
C LEU E 20 -27.72 -9.67 -32.40
N ARG E 21 -26.61 -9.83 -33.13
CA ARG E 21 -25.43 -10.50 -32.61
C ARG E 21 -24.21 -9.67 -32.95
N LEU E 22 -23.63 -9.01 -31.94
CA LEU E 22 -22.44 -8.20 -32.13
C LEU E 22 -21.20 -9.06 -31.88
N SER E 23 -20.27 -9.04 -32.82
CA SER E 23 -19.02 -9.77 -32.72
C SER E 23 -17.87 -8.79 -32.58
N CYS E 24 -17.03 -8.99 -31.56
CA CYS E 24 -15.90 -8.14 -31.27
C CYS E 24 -14.63 -8.97 -31.31
N ALA E 25 -13.58 -8.44 -31.94
CA ALA E 25 -12.32 -9.14 -32.12
C ALA E 25 -11.17 -8.27 -31.65
N ALA E 26 -10.23 -8.88 -30.94
CA ALA E 26 -9.04 -8.20 -30.45
C ALA E 26 -7.81 -8.89 -31.00
N SER E 27 -6.86 -8.09 -31.49
CA SER E 27 -5.64 -8.63 -32.09
C SER E 27 -4.42 -7.83 -31.64
N GLY E 28 -4.36 -7.50 -30.35
CA GLY E 28 -3.23 -6.75 -29.85
C GLY E 28 -2.77 -7.15 -28.46
N PHE E 29 -3.33 -8.23 -27.92
CA PHE E 29 -2.99 -8.68 -26.58
C PHE E 29 -3.52 -10.09 -26.41
N THR E 30 -3.29 -10.66 -25.23
CA THR E 30 -3.81 -11.98 -24.89
C THR E 30 -5.23 -11.82 -24.38
N PHE E 31 -6.19 -12.37 -25.13
CA PHE E 31 -7.60 -12.16 -24.81
C PHE E 31 -7.98 -12.78 -23.47
N SER E 32 -7.47 -13.97 -23.18
CA SER E 32 -7.90 -14.71 -22.00
C SER E 32 -7.43 -14.09 -20.69
N ASN E 33 -6.53 -13.12 -20.73
CA ASN E 33 -5.96 -12.56 -19.52
C ASN E 33 -6.74 -11.36 -18.99
N TYR E 34 -7.76 -10.88 -19.70
CA TYR E 34 -8.44 -9.64 -19.36
C TYR E 34 -9.93 -9.87 -19.22
N LYS E 35 -10.54 -9.09 -18.34
CA LYS E 35 -12.00 -9.06 -18.21
C LYS E 35 -12.59 -8.14 -19.26
N MET E 36 -13.58 -8.64 -19.98
CA MET E 36 -14.15 -7.91 -21.11
C MET E 36 -15.52 -7.39 -20.75
N ASN E 37 -15.97 -6.37 -21.47
CA ASN E 37 -17.30 -5.85 -21.21
C ASN E 37 -17.83 -5.09 -22.42
N TRP E 38 -19.14 -4.86 -22.42
CA TRP E 38 -19.81 -4.00 -23.38
C TRP E 38 -20.40 -2.79 -22.67
N VAL E 39 -20.21 -1.63 -23.29
CA VAL E 39 -20.80 -0.38 -22.82
C VAL E 39 -21.64 0.21 -23.94
N ARG E 40 -22.60 1.05 -23.57
CA ARG E 40 -23.53 1.63 -24.53
C ARG E 40 -23.56 3.15 -24.36
N GLN E 41 -23.56 3.85 -25.49
CA GLN E 41 -23.65 5.30 -25.51
C GLN E 41 -24.88 5.70 -26.31
N ALA E 42 -25.85 6.31 -25.63
CA ALA E 42 -27.06 6.77 -26.27
C ALA E 42 -26.77 7.98 -27.15
N PRO E 43 -27.62 8.24 -28.15
CA PRO E 43 -27.39 9.41 -29.02
C PRO E 43 -27.36 10.73 -28.27
N GLY E 44 -28.13 10.87 -27.19
CA GLY E 44 -28.17 12.12 -26.45
C GLY E 44 -27.62 12.04 -25.05
N LYS E 45 -27.24 10.84 -24.62
CA LYS E 45 -26.74 10.61 -23.26
C LYS E 45 -25.25 10.28 -23.32
N GLY E 46 -24.70 9.98 -22.13
CA GLY E 46 -23.30 9.63 -22.01
C GLY E 46 -23.06 8.13 -22.08
N LEU E 47 -21.82 7.74 -21.82
CA LEU E 47 -21.46 6.33 -21.83
C LEU E 47 -22.14 5.59 -20.68
N GLU E 48 -22.52 4.35 -20.93
CA GLU E 48 -23.20 3.54 -19.93
C GLU E 48 -22.77 2.09 -20.10
N TRP E 49 -22.26 1.50 -19.02
CA TRP E 49 -21.87 0.09 -19.03
C TRP E 49 -23.11 -0.78 -19.06
N VAL E 50 -23.12 -1.78 -19.94
CA VAL E 50 -24.29 -2.63 -20.14
C VAL E 50 -24.03 -4.06 -19.70
N SER E 51 -22.85 -4.61 -19.94
CA SER E 51 -22.59 -6.00 -19.56
C SER E 51 -21.11 -6.22 -19.35
N ASP E 52 -20.78 -7.29 -18.63
CA ASP E 52 -19.38 -7.65 -18.45
C ASP E 52 -19.25 -9.16 -18.21
N ILE E 53 -18.11 -9.70 -18.66
CA ILE E 53 -17.78 -11.11 -18.53
C ILE E 53 -16.31 -11.22 -18.12
N SER E 54 -16.02 -12.15 -17.21
CA SER E 54 -14.69 -12.29 -16.65
C SER E 54 -13.77 -13.03 -17.64
N GLN E 55 -12.58 -13.40 -17.18
CA GLN E 55 -11.58 -14.00 -18.05
C GLN E 55 -12.04 -15.35 -18.59
N SER E 56 -12.59 -16.19 -17.73
CA SER E 56 -13.01 -17.53 -18.12
C SER E 56 -14.47 -17.63 -18.52
N GLY E 57 -15.30 -16.69 -18.08
CA GLY E 57 -16.72 -16.72 -18.35
C GLY E 57 -17.57 -17.18 -17.18
N ALA E 58 -16.96 -17.57 -16.06
CA ALA E 58 -17.74 -17.99 -14.90
C ALA E 58 -18.55 -16.83 -14.34
N SER E 59 -17.96 -15.64 -14.28
CA SER E 59 -18.63 -14.46 -13.74
C SER E 59 -19.17 -13.62 -14.89
N ILE E 60 -20.49 -13.47 -14.94
CA ILE E 60 -21.17 -12.69 -15.96
C ILE E 60 -22.17 -11.78 -15.26
N SER E 61 -22.17 -10.49 -15.59
CA SER E 61 -23.13 -9.59 -14.98
C SER E 61 -23.65 -8.60 -16.02
N TYR E 62 -24.83 -8.07 -15.75
CA TYR E 62 -25.52 -7.16 -16.65
C TYR E 62 -25.95 -5.91 -15.89
N THR E 63 -26.18 -4.84 -16.64
CA THR E 63 -26.56 -3.55 -16.06
C THR E 63 -27.99 -3.54 -15.54
N GLY E 64 -28.78 -4.56 -15.83
CA GLY E 64 -30.19 -4.49 -15.51
C GLY E 64 -31.01 -3.97 -16.66
N SER E 65 -32.27 -4.38 -16.70
CA SER E 65 -33.24 -4.10 -17.76
C SER E 65 -32.83 -4.73 -19.08
N VAL E 66 -31.73 -5.47 -19.12
CA VAL E 66 -31.29 -6.16 -20.34
C VAL E 66 -30.97 -7.61 -19.98
N LYS E 67 -30.92 -7.91 -18.69
CA LYS E 67 -30.63 -9.26 -18.25
C LYS E 67 -31.77 -10.20 -18.65
N GLY E 68 -31.40 -11.39 -19.12
CA GLY E 68 -32.36 -12.29 -19.73
C GLY E 68 -32.56 -11.97 -21.20
N ARG E 69 -32.51 -10.67 -21.51
CA ARG E 69 -32.61 -10.20 -22.89
C ARG E 69 -31.26 -10.22 -23.61
N PHE E 70 -30.18 -10.04 -22.87
CA PHE E 70 -28.84 -9.96 -23.43
C PHE E 70 -28.00 -11.12 -22.91
N THR E 71 -27.13 -11.66 -23.77
CA THR E 71 -26.23 -12.73 -23.40
C THR E 71 -24.85 -12.42 -23.93
N ILE E 72 -23.83 -12.50 -23.06
CA ILE E 72 -22.46 -12.20 -23.43
C ILE E 72 -21.65 -13.49 -23.32
N SER E 73 -20.77 -13.74 -24.29
CA SER E 73 -19.98 -14.96 -24.28
C SER E 73 -18.70 -14.75 -25.05
N ARG E 74 -17.56 -15.03 -24.42
CA ARG E 74 -16.27 -14.89 -25.07
C ARG E 74 -15.75 -16.24 -25.53
N ASP E 75 -14.98 -16.22 -26.62
CA ASP E 75 -14.33 -17.41 -27.17
C ASP E 75 -12.84 -17.11 -27.22
N ASN E 76 -12.07 -17.78 -26.36
CA ASN E 76 -10.64 -17.53 -26.28
C ASN E 76 -9.88 -18.13 -27.45
N ALA E 77 -10.37 -19.24 -28.02
CA ALA E 77 -9.68 -19.87 -29.14
C ALA E 77 -9.63 -18.93 -30.35
N LYS E 78 -10.73 -18.26 -30.63
CA LYS E 78 -10.78 -17.28 -31.71
C LYS E 78 -10.43 -15.87 -31.25
N ASN E 79 -10.13 -15.68 -29.96
CA ASN E 79 -9.81 -14.38 -29.40
C ASN E 79 -10.91 -13.36 -29.70
N THR E 80 -12.16 -13.80 -29.58
CA THR E 80 -13.30 -12.97 -29.94
C THR E 80 -14.34 -13.01 -28.83
N LEU E 81 -15.40 -12.22 -29.01
CA LEU E 81 -16.48 -12.18 -28.04
C LEU E 81 -17.77 -11.86 -28.79
N TYR E 82 -18.89 -12.33 -28.24
CA TYR E 82 -20.19 -12.18 -28.86
C TYR E 82 -21.20 -11.65 -27.85
N LEU E 83 -22.10 -10.80 -28.33
CA LEU E 83 -23.23 -10.29 -27.55
C LEU E 83 -24.51 -10.54 -28.34
N GLN E 84 -25.36 -11.42 -27.82
CA GLN E 84 -26.62 -11.79 -28.44
C GLN E 84 -27.74 -11.05 -27.72
N MET E 85 -28.46 -10.19 -28.43
CA MET E 85 -29.56 -9.41 -27.86
C MET E 85 -30.85 -9.79 -28.57
N ASN E 86 -31.90 -10.00 -27.79
CA ASN E 86 -33.19 -10.43 -28.28
C ASN E 86 -34.28 -9.50 -27.75
N SER E 87 -35.35 -9.37 -28.53
CA SER E 87 -36.53 -8.58 -28.16
C SER E 87 -36.14 -7.12 -27.88
N LEU E 88 -35.63 -6.47 -28.92
CA LEU E 88 -35.17 -5.09 -28.78
C LEU E 88 -36.34 -4.15 -28.52
N LYS E 89 -36.14 -3.22 -27.60
CA LYS E 89 -37.09 -2.16 -27.28
C LYS E 89 -36.65 -0.85 -27.93
N PRO E 90 -37.57 0.09 -28.15
CA PRO E 90 -37.18 1.36 -28.78
C PRO E 90 -36.49 2.29 -27.80
N GLU E 91 -35.55 1.75 -27.02
CA GLU E 91 -34.69 2.53 -26.15
C GLU E 91 -33.24 2.03 -26.20
N ASP E 92 -32.97 0.96 -26.93
CA ASP E 92 -31.63 0.42 -27.07
C ASP E 92 -30.88 0.96 -28.27
N THR E 93 -31.52 1.79 -29.09
CA THR E 93 -30.85 2.38 -30.25
C THR E 93 -29.75 3.32 -29.77
N ALA E 94 -28.50 2.91 -29.99
CA ALA E 94 -27.33 3.62 -29.46
C ALA E 94 -26.10 3.00 -30.11
N VAL E 95 -24.93 3.45 -29.65
CA VAL E 95 -23.65 2.93 -30.13
C VAL E 95 -23.07 2.01 -29.07
N TYR E 96 -22.67 0.80 -29.48
CA TYR E 96 -22.15 -0.20 -28.57
C TYR E 96 -20.63 -0.30 -28.72
N TYR E 97 -19.93 -0.25 -27.60
CA TYR E 97 -18.48 -0.34 -27.56
C TYR E 97 -18.05 -1.60 -26.81
N CYS E 98 -17.19 -2.38 -27.45
CA CYS E 98 -16.57 -3.56 -26.84
C CYS E 98 -15.28 -3.14 -26.17
N ALA E 99 -15.27 -3.11 -24.85
CA ALA E 99 -14.15 -2.57 -24.08
C ALA E 99 -13.41 -3.67 -23.32
N ARG E 100 -12.10 -3.46 -23.21
CA ARG E 100 -11.23 -4.26 -22.37
C ARG E 100 -10.62 -3.35 -21.32
N CYS E 101 -10.87 -3.64 -20.04
CA CYS E 101 -10.34 -2.78 -19.00
C CYS E 101 -8.91 -3.17 -18.65
N PRO E 102 -8.09 -2.23 -18.14
CA PRO E 102 -6.65 -2.31 -18.39
C PRO E 102 -5.92 -3.45 -17.68
N ALA E 103 -6.15 -3.65 -16.40
CA ALA E 103 -5.23 -4.52 -15.67
C ALA E 103 -5.60 -5.98 -15.86
N PRO E 104 -4.64 -6.83 -16.24
CA PRO E 104 -4.89 -8.27 -16.34
C PRO E 104 -4.73 -8.98 -15.01
N PHE E 105 -5.35 -10.16 -14.88
CA PHE E 105 -5.30 -10.96 -13.65
C PHE E 105 -5.84 -10.20 -12.44
N THR E 106 -6.72 -9.24 -12.67
CA THR E 106 -7.23 -8.39 -11.60
C THR E 106 -8.75 -8.43 -11.60
N ARG E 107 -9.33 -8.54 -10.41
CA ARG E 107 -10.78 -8.46 -10.25
C ARG E 107 -11.32 -7.05 -10.39
N ASP E 108 -10.45 -6.05 -10.44
CA ASP E 108 -10.85 -4.65 -10.53
C ASP E 108 -10.48 -4.07 -11.90
N CYS E 109 -11.24 -3.06 -12.31
CA CYS E 109 -10.88 -2.22 -13.45
C CYS E 109 -11.83 -1.03 -13.49
N PHE E 110 -11.25 0.17 -13.59
CA PHE E 110 -11.90 1.39 -13.11
C PHE E 110 -12.57 2.21 -14.22
N ASP E 111 -11.88 2.43 -15.33
CA ASP E 111 -12.25 3.53 -16.22
C ASP E 111 -12.78 3.04 -17.57
N VAL E 112 -13.67 2.04 -17.54
CA VAL E 112 -14.26 1.57 -18.78
C VAL E 112 -15.18 2.63 -19.39
N THR E 113 -16.05 3.22 -18.56
CA THR E 113 -17.03 4.20 -19.04
C THR E 113 -16.51 5.62 -18.91
N SER E 114 -15.34 5.89 -19.48
CA SER E 114 -14.77 7.23 -19.47
C SER E 114 -14.90 7.86 -20.85
N THR E 115 -14.84 9.19 -20.88
CA THR E 115 -15.04 9.92 -22.13
C THR E 115 -13.94 9.62 -23.14
N THR E 116 -12.70 9.51 -22.69
CA THR E 116 -11.54 9.39 -23.56
C THR E 116 -10.73 8.13 -23.23
N TYR E 117 -11.43 7.02 -23.05
CA TYR E 117 -10.75 5.76 -22.76
C TYR E 117 -9.90 5.33 -23.94
N ALA E 118 -8.75 4.73 -23.64
CA ALA E 118 -7.79 4.34 -24.67
C ALA E 118 -8.00 2.91 -25.16
N TYR E 119 -8.43 2.01 -24.28
CA TYR E 119 -8.60 0.60 -24.62
C TYR E 119 -10.02 0.25 -25.02
N ARG E 120 -10.73 1.19 -25.63
CA ARG E 120 -12.09 0.97 -26.09
C ARG E 120 -12.11 0.95 -27.61
N GLY E 121 -12.93 0.07 -28.18
CA GLY E 121 -12.99 -0.08 -29.61
C GLY E 121 -13.75 1.06 -30.28
N GLN E 122 -13.86 0.94 -31.60
CA GLN E 122 -14.58 1.94 -32.38
C GLN E 122 -16.08 1.79 -32.17
N GLY E 123 -16.86 2.57 -32.92
CA GLY E 123 -18.29 2.56 -32.77
C GLY E 123 -19.00 1.59 -33.70
N THR E 124 -20.26 1.31 -33.36
CA THR E 124 -21.12 0.46 -34.18
C THR E 124 -22.56 0.85 -33.89
N GLN E 125 -23.21 1.50 -34.86
CA GLN E 125 -24.55 2.00 -34.66
C GLN E 125 -25.59 0.91 -34.89
N VAL E 126 -26.50 0.76 -33.94
CA VAL E 126 -27.65 -0.13 -34.08
C VAL E 126 -28.90 0.69 -33.79
N THR E 127 -29.93 0.53 -34.61
CA THR E 127 -31.13 1.35 -34.52
C THR E 127 -32.37 0.46 -34.59
N VAL E 128 -33.38 0.83 -33.82
CA VAL E 128 -34.65 0.12 -33.77
C VAL E 128 -35.78 1.11 -34.00
N SER E 129 -36.74 0.72 -34.83
CA SER E 129 -37.87 1.58 -35.15
C SER E 129 -39.05 0.77 -35.69
#